data_1MHK
# 
_entry.id   1MHK 
# 
_audit_conform.dict_name       mmcif_pdbx.dic 
_audit_conform.dict_version    5.386 
_audit_conform.dict_location   http://mmcif.pdb.org/dictionaries/ascii/mmcif_pdbx.dic 
# 
loop_
_database_2.database_id 
_database_2.database_code 
_database_2.pdbx_database_accession 
_database_2.pdbx_DOI 
PDB   1MHK         pdb_00001mhk 10.2210/pdb1mhk/pdb 
NDB   UR0025       ?            ?                   
RCSB  RCSB016915   ?            ?                   
WWPDB D_1000016915 ?            ?                   
# 
loop_
_pdbx_audit_revision_history.ordinal 
_pdbx_audit_revision_history.data_content_type 
_pdbx_audit_revision_history.major_revision 
_pdbx_audit_revision_history.minor_revision 
_pdbx_audit_revision_history.revision_date 
1 'Structure model' 1 0 2002-09-06 
2 'Structure model' 1 1 2007-10-16 
3 'Structure model' 1 2 2011-07-13 
4 'Structure model' 1 3 2024-02-14 
# 
_pdbx_audit_revision_details.ordinal             1 
_pdbx_audit_revision_details.revision_ordinal    1 
_pdbx_audit_revision_details.data_content_type   'Structure model' 
_pdbx_audit_revision_details.provider            repository 
_pdbx_audit_revision_details.type                'Initial release' 
_pdbx_audit_revision_details.description         ? 
_pdbx_audit_revision_details.details             ? 
# 
loop_
_pdbx_audit_revision_group.ordinal 
_pdbx_audit_revision_group.revision_ordinal 
_pdbx_audit_revision_group.data_content_type 
_pdbx_audit_revision_group.group 
1 2 'Structure model' 'Version format compliance' 
2 3 'Structure model' 'Version format compliance' 
3 4 'Structure model' 'Data collection'           
4 4 'Structure model' 'Database references'       
5 4 'Structure model' 'Derived calculations'      
6 4 'Structure model' 'Refinement description'    
# 
loop_
_pdbx_audit_revision_category.ordinal 
_pdbx_audit_revision_category.revision_ordinal 
_pdbx_audit_revision_category.data_content_type 
_pdbx_audit_revision_category.category 
1 4 'Structure model' chem_comp_atom                
2 4 'Structure model' chem_comp_bond                
3 4 'Structure model' database_2                    
4 4 'Structure model' pdbx_initial_refinement_model 
5 4 'Structure model' struct_conn                   
6 4 'Structure model' struct_site                   
# 
loop_
_pdbx_audit_revision_item.ordinal 
_pdbx_audit_revision_item.revision_ordinal 
_pdbx_audit_revision_item.data_content_type 
_pdbx_audit_revision_item.item 
1 4 'Structure model' '_database_2.pdbx_DOI'                
2 4 'Structure model' '_database_2.pdbx_database_accession' 
3 4 'Structure model' '_struct_conn.pdbx_leaving_atom_flag' 
4 4 'Structure model' '_struct_site.pdbx_auth_asym_id'      
5 4 'Structure model' '_struct_site.pdbx_auth_comp_id'      
6 4 'Structure model' '_struct_site.pdbx_auth_seq_id'       
# 
_pdbx_database_status.status_code                     REL 
_pdbx_database_status.entry_id                        1MHK 
_pdbx_database_status.recvd_initial_deposition_date   2002-08-20 
_pdbx_database_status.deposit_site                    NDB 
_pdbx_database_status.process_site                    RCSB 
_pdbx_database_status.SG_entry                        . 
_pdbx_database_status.pdb_format_compatible           Y 
_pdbx_database_status.status_code_mr                  ? 
_pdbx_database_status.status_code_sf                  ? 
_pdbx_database_status.status_code_cs                  ? 
_pdbx_database_status.status_code_nmr_data            ? 
_pdbx_database_status.methods_development_category    ? 
# 
loop_
_audit_author.name 
_audit_author.pdbx_ordinal 
'Szep, S.'    1 
'Wang, J.'    2 
'Moore, P.B.' 3 
# 
_citation.id                        primary 
_citation.title                     'The crystal structure of a 26-nucleotide RNA containing a hook-turn' 
_citation.journal_abbrev            RNA 
_citation.journal_volume            9 
_citation.page_first                44 
_citation.page_last                 51 
_citation.year                      2003 
_citation.journal_id_ASTM           RNARFU 
_citation.country                   UK 
_citation.journal_id_ISSN           1355-8382 
_citation.journal_id_CSD            2122 
_citation.book_publisher            ? 
_citation.pdbx_database_id_PubMed   12554875 
_citation.pdbx_database_id_DOI      10.1261/rna.2107303 
# 
loop_
_citation_author.citation_id 
_citation_author.name 
_citation_author.ordinal 
_citation_author.identifier_ORCID 
primary 'Szep, S.'    1 ? 
primary 'Wang, J.'    2 ? 
primary 'Moore, P.B.' 3 ? 
# 
loop_
_entity.id 
_entity.type 
_entity.src_method 
_entity.pdbx_description 
_entity.formula_weight 
_entity.pdbx_number_of_molecules 
_entity.pdbx_ec 
_entity.pdbx_mutation 
_entity.pdbx_fragment 
_entity.details 
1 polymer     syn 'RNA 12-mer BCh12' 3810.352 1  ? ? 'fragment of 5S rRNA Loop E' 'Short strand' 
2 polymer     syn 'RNA 14-mer BCh12' 4479.691 1  ? ? 'fragment of 5S rRNA Loop E' 'Long strand'  
3 non-polymer syn 'BROMIDE ION'      79.904   1  ? ? ?                            ?              
4 water       nat water              18.015   21 ? ? ?                            ?              
# 
loop_
_entity_poly.entity_id 
_entity_poly.type 
_entity_poly.nstd_linkage 
_entity_poly.nstd_monomer 
_entity_poly.pdbx_seq_one_letter_code 
_entity_poly.pdbx_seq_one_letter_code_can 
_entity_poly.pdbx_strand_id 
_entity_poly.pdbx_target_identifier 
1 polyribonucleotide no no CCAUGCGAACCG   CCAUGCGAACCG   S ? 
2 polyribonucleotide no no CGAUCCUAGUGUGG CGAUCCUAGUGUGG L ? 
# 
loop_
_pdbx_entity_nonpoly.entity_id 
_pdbx_entity_nonpoly.name 
_pdbx_entity_nonpoly.comp_id 
3 'BROMIDE ION' BR  
4 water         HOH 
# 
loop_
_entity_poly_seq.entity_id 
_entity_poly_seq.num 
_entity_poly_seq.mon_id 
_entity_poly_seq.hetero 
1 1  C n 
1 2  C n 
1 3  A n 
1 4  U n 
1 5  G n 
1 6  C n 
1 7  G n 
1 8  A n 
1 9  A n 
1 10 C n 
1 11 C n 
1 12 G n 
2 1  C n 
2 2  G n 
2 3  A n 
2 4  U n 
2 5  C n 
2 6  C n 
2 7  U n 
2 8  A n 
2 9  G n 
2 10 U n 
2 11 G n 
2 12 U n 
2 13 G n 
2 14 G n 
# 
loop_
_pdbx_entity_src_syn.entity_id 
_pdbx_entity_src_syn.pdbx_src_id 
_pdbx_entity_src_syn.pdbx_alt_source_flag 
_pdbx_entity_src_syn.pdbx_beg_seq_num 
_pdbx_entity_src_syn.pdbx_end_seq_num 
_pdbx_entity_src_syn.organism_scientific 
_pdbx_entity_src_syn.organism_common_name 
_pdbx_entity_src_syn.ncbi_taxonomy_id 
_pdbx_entity_src_syn.details 
1 1 sample ? ? ? ? ? '5S rRNA Loop E region, sequence from Chromatium minutissimum' 
2 1 sample ? ? ? ? ? '5S rRNA Loop E region, sequence from Chromatium minutissimum' 
# 
loop_
_chem_comp.id 
_chem_comp.type 
_chem_comp.mon_nstd_flag 
_chem_comp.name 
_chem_comp.pdbx_synonyms 
_chem_comp.formula 
_chem_comp.formula_weight 
A   'RNA linking' y "ADENOSINE-5'-MONOPHOSPHATE" ? 'C10 H14 N5 O7 P' 347.221 
BR  non-polymer   . 'BROMIDE ION'                ? 'Br -1'           79.904  
C   'RNA linking' y "CYTIDINE-5'-MONOPHOSPHATE"  ? 'C9 H14 N3 O8 P'  323.197 
G   'RNA linking' y "GUANOSINE-5'-MONOPHOSPHATE" ? 'C10 H14 N5 O8 P' 363.221 
HOH non-polymer   . WATER                        ? 'H2 O'            18.015  
U   'RNA linking' y "URIDINE-5'-MONOPHOSPHATE"   ? 'C9 H13 N2 O9 P'  324.181 
# 
loop_
_pdbx_poly_seq_scheme.asym_id 
_pdbx_poly_seq_scheme.entity_id 
_pdbx_poly_seq_scheme.seq_id 
_pdbx_poly_seq_scheme.mon_id 
_pdbx_poly_seq_scheme.ndb_seq_num 
_pdbx_poly_seq_scheme.pdb_seq_num 
_pdbx_poly_seq_scheme.auth_seq_num 
_pdbx_poly_seq_scheme.pdb_mon_id 
_pdbx_poly_seq_scheme.auth_mon_id 
_pdbx_poly_seq_scheme.pdb_strand_id 
_pdbx_poly_seq_scheme.pdb_ins_code 
_pdbx_poly_seq_scheme.hetero 
A 1 1  C 1  1  1  C C S . n 
A 1 2  C 2  2  2  C C S . n 
A 1 3  A 3  3  3  A A S . n 
A 1 4  U 4  4  4  U U S . n 
A 1 5  G 5  5  5  G G S . n 
A 1 6  C 6  6  6  C C S . n 
A 1 7  G 7  7  7  G G S . n 
A 1 8  A 8  8  8  A A S . n 
A 1 9  A 9  9  9  A A S . n 
A 1 10 C 10 10 10 C C S . n 
A 1 11 C 11 11 11 C C S . n 
A 1 12 G 12 12 12 G G S . n 
B 2 1  C 1  1  1  C C L . n 
B 2 2  G 2  2  2  G G L . n 
B 2 3  A 3  3  3  A A L . n 
B 2 4  U 4  4  4  U U L . n 
B 2 5  C 5  5  5  C C L . n 
B 2 6  C 6  6  6  C C L . n 
B 2 7  U 7  7  7  U U L . n 
B 2 8  A 8  8  8  A A L . n 
B 2 9  G 9  9  9  G G L . n 
B 2 10 U 10 10 10 U U L . n 
B 2 11 G 11 11 11 G G L . n 
B 2 12 U 12 12 12 U U L . n 
B 2 13 G 13 13 13 G G L . n 
B 2 14 G 14 14 14 G G L . n 
# 
loop_
_pdbx_nonpoly_scheme.asym_id 
_pdbx_nonpoly_scheme.entity_id 
_pdbx_nonpoly_scheme.mon_id 
_pdbx_nonpoly_scheme.ndb_seq_num 
_pdbx_nonpoly_scheme.pdb_seq_num 
_pdbx_nonpoly_scheme.auth_seq_num 
_pdbx_nonpoly_scheme.pdb_mon_id 
_pdbx_nonpoly_scheme.auth_mon_id 
_pdbx_nonpoly_scheme.pdb_strand_id 
_pdbx_nonpoly_scheme.pdb_ins_code 
C 3 BR  1  13 4  BR  BRO S . 
D 4 HOH 1  14 1  HOH HOH S . 
D 4 HOH 2  15 2  HOH HOH S . 
D 4 HOH 3  16 3  HOH HOH S . 
D 4 HOH 4  17 4  HOH HOH S . 
D 4 HOH 5  18 5  HOH HOH S . 
D 4 HOH 6  19 9  HOH HOH S . 
D 4 HOH 7  20 22 HOH HOH S . 
D 4 HOH 8  21 24 HOH HOH S . 
D 4 HOH 9  22 28 HOH HOH S . 
D 4 HOH 10 23 34 HOH HOH S . 
D 4 HOH 11 24 35 HOH HOH S . 
E 4 HOH 1  15 6  HOH HOH L . 
E 4 HOH 2  16 11 HOH HOH L . 
E 4 HOH 3  17 12 HOH HOH L . 
E 4 HOH 4  18 14 HOH HOH L . 
E 4 HOH 5  19 15 HOH HOH L . 
E 4 HOH 6  20 25 HOH HOH L . 
E 4 HOH 7  21 27 HOH HOH L . 
E 4 HOH 8  22 29 HOH HOH L . 
E 4 HOH 9  23 30 HOH HOH L . 
E 4 HOH 10 24 32 HOH HOH L . 
# 
loop_
_software.name 
_software.classification 
_software.version 
_software.citation_id 
_software.pdbx_ordinal 
DENZO     'data reduction' . ? 1 
SCALEPACK 'data scaling'   . ? 2 
CNS       refinement       . ? 3 
CNS       phasing          . ? 4 
# 
_cell.entry_id           1MHK 
_cell.length_a           30.169 
_cell.length_b           62.510 
_cell.length_c           50.933 
_cell.angle_alpha        90.00 
_cell.angle_beta         98.76 
_cell.angle_gamma        90.00 
_cell.Z_PDB              4 
_cell.pdbx_unique_axis   ? 
# 
_symmetry.entry_id                         1MHK 
_symmetry.space_group_name_H-M             'C 1 2 1' 
_symmetry.cell_setting                     monoclinic 
_symmetry.pdbx_full_space_group_name_H-M   ? 
_symmetry.Int_Tables_number                5 
# 
_exptl.entry_id          1MHK 
_exptl.method            'X-RAY DIFFRACTION' 
_exptl.crystals_number   1 
# 
_exptl_crystal.id                    1 
_exptl_crystal.density_meas          ? 
_exptl_crystal.density_percent_sol   57.04 
_exptl_crystal.density_Matthews      2.86 
_exptl_crystal.description           ? 
# 
_exptl_crystal_grow.crystal_id      1 
_exptl_crystal_grow.method          'VAPOR DIFFUSION, SITTING DROP' 
_exptl_crystal_grow.temp            292 
_exptl_crystal_grow.temp_details    ? 
_exptl_crystal_grow.pH              7.5 
_exptl_crystal_grow.pdbx_details    
;ammonium sulfate, magnesium chloride, spermidine, tris-hydrogen chloride, 
pH 7.5, VAPOR DIFFUSION, SITTING DROP at 292K
;
_exptl_crystal_grow.pdbx_pH_range   . 
# 
loop_
_exptl_crystal_grow_comp.crystal_id 
_exptl_crystal_grow_comp.id 
_exptl_crystal_grow_comp.sol_id 
_exptl_crystal_grow_comp.name 
_exptl_crystal_grow_comp.conc 
_exptl_crystal_grow_comp.volume 
_exptl_crystal_grow_comp.details 
1 1 1 '(NH4)2SO4' ? ? ? 
1 2 1 MgCl2       ? ? ? 
1 3 1 spermidine  ? ? ? 
1 4 1 tris-HCl    ? ? ? 
1 5 2 '(NH4)2SO4' ? ? ? 
1 6 2 MgCl2       ? ? ? 
1 7 2 tris-HCl    ? ? ? 
# 
loop_
_diffrn.id 
_diffrn.ambient_temp 
_diffrn.ambient_temp_details 
_diffrn.crystal_id 
1 193 ? 1 
2 193 ? 1 
# 
loop_
_diffrn_detector.diffrn_id 
_diffrn_detector.detector 
_diffrn_detector.type 
_diffrn_detector.pdbx_collection_date 
_diffrn_detector.details 
1 'IMAGE PLATE' 'RIGAKU RAXIS IIC' 2001-01-31 'focusing mirrors' 
2 CCD           CUSTOM-MADE        2001-04-13 ?                  
# 
loop_
_diffrn_radiation.diffrn_id 
_diffrn_radiation.wavelength_id 
_diffrn_radiation.pdbx_monochromatic_or_laue_m_l 
_diffrn_radiation.monochromator 
_diffrn_radiation.pdbx_diffrn_protocol 
_diffrn_radiation.pdbx_scattering_type 
1 1 M 'focusing mirrors' 'SINGLE WAVELENGTH' x-ray 
2 1 M 'double crystal'   'SINGLE WAVELENGTH' x-ray 
# 
loop_
_diffrn_radiation_wavelength.id 
_diffrn_radiation_wavelength.wavelength 
_diffrn_radiation_wavelength.wt 
1 1.5418  1.0 
2 0.91939 1.0 
# 
loop_
_diffrn_source.diffrn_id 
_diffrn_source.source 
_diffrn_source.type 
_diffrn_source.pdbx_synchrotron_site 
_diffrn_source.pdbx_synchrotron_beamline 
_diffrn_source.pdbx_wavelength 
_diffrn_source.pdbx_wavelength_list 
1 'ROTATING ANODE' 'RIGAKU RU200'      ?    ?   ? 1.5418  
2 SYNCHROTRON      'NSLS BEAMLINE X25' NSLS X25 ? 0.91939 
# 
_reflns.entry_id                     1MHK 
_reflns.observed_criterion_sigma_I   1. 
_reflns.observed_criterion_sigma_F   ? 
_reflns.d_resolution_low             15.0 
_reflns.d_resolution_high            2.50 
_reflns.number_obs                   3220 
_reflns.number_all                   ? 
_reflns.percent_possible_obs         98.6 
_reflns.pdbx_Rmerge_I_obs            ? 
_reflns.pdbx_Rsym_value              0.128 
_reflns.pdbx_netI_over_sigmaI        10.35 
_reflns.B_iso_Wilson_estimate        57.5 
_reflns.pdbx_redundancy              17.69 
_reflns.R_free_details               ? 
_reflns.pdbx_diffrn_id               1,2 
_reflns.pdbx_ordinal                 1 
# 
_reflns_shell.d_res_high             2.50 
_reflns_shell.d_res_low              ? 
_reflns_shell.percent_possible_all   98.7 
_reflns_shell.Rmerge_I_obs           ? 
_reflns_shell.pdbx_Rsym_value        0.342 
_reflns_shell.meanI_over_sigI_obs    2.55 
_reflns_shell.pdbx_redundancy        4.59 
_reflns_shell.percent_possible_obs   ? 
_reflns_shell.number_unique_all      307 
_reflns_shell.pdbx_diffrn_id         ? 
_reflns_shell.pdbx_ordinal           1 
# 
_refine.entry_id                                 1MHK 
_refine.ls_number_reflns_obs                     3011 
_refine.ls_number_reflns_all                     3217 
_refine.pdbx_ls_sigma_I                          ? 
_refine.pdbx_ls_sigma_F                          2.0 
_refine.pdbx_data_cutoff_high_absF               ? 
_refine.pdbx_data_cutoff_low_absF                ? 
_refine.ls_d_res_low                             15.0 
_refine.ls_d_res_high                            2.50 
_refine.ls_percent_reflns_obs                    93.6 
_refine.ls_R_factor_obs                          0.243 
_refine.ls_R_factor_all                          ? 
_refine.ls_R_factor_R_work                       0.2391 
_refine.ls_R_factor_R_free                       0.27 
_refine.ls_R_factor_R_free_error                 0.017 
_refine.ls_R_factor_R_free_error_details         ? 
_refine.ls_percent_reflns_R_free                 8.4 
_refine.ls_number_reflns_R_free                  252 
_refine.ls_number_parameters                     ? 
_refine.ls_number_restraints                     ? 
_refine.occupancy_min                            ? 
_refine.occupancy_max                            ? 
_refine.correlation_coeff_Fo_to_Fc               ? 
_refine.correlation_coeff_Fo_to_Fc_free          ? 
_refine.B_iso_mean                               55.8 
_refine.aniso_B[1][1]                            6.17 
_refine.aniso_B[2][2]                            5.29 
_refine.aniso_B[3][3]                            -11.46 
_refine.aniso_B[1][2]                            0.00 
_refine.aniso_B[1][3]                            20.29 
_refine.aniso_B[2][3]                            0.00 
_refine.solvent_model_details                    'FLAT MODEL' 
_refine.solvent_model_param_ksol                 0.402743 
_refine.solvent_model_param_bsol                 54.1757 
_refine.pdbx_solvent_vdw_probe_radii             ? 
_refine.pdbx_solvent_ion_probe_radii             ? 
_refine.pdbx_solvent_shrinkage_radii             ? 
_refine.pdbx_ls_cross_valid_method               THROUGHOUT 
_refine.details                                  ? 
_refine.pdbx_starting_model                      '6mer A-form RNA helix' 
_refine.pdbx_method_to_determine_struct          'MOLECULAR REPLACEMENT' 
_refine.pdbx_isotropic_thermal_model             RESTRAINED 
_refine.pdbx_stereochemistry_target_values       'CNS standard parameter files:dna_rnarep.param' 
_refine.pdbx_stereochem_target_val_spec_case     ? 
_refine.pdbx_R_Free_selection_details            RANDOM 
_refine.pdbx_overall_ESU_R_Free                  ? 
_refine.overall_SU_B                             ? 
_refine.ls_redundancy_reflns_obs                 ? 
_refine.overall_SU_R_Cruickshank_DPI             ? 
_refine.overall_SU_R_free                        ? 
_refine.overall_SU_ML                            ? 
_refine.pdbx_overall_ESU_R                       ? 
_refine.pdbx_data_cutoff_high_rms_absF           ? 
_refine.pdbx_refine_id                           'X-RAY DIFFRACTION' 
_refine.pdbx_diffrn_id                           1 
_refine.pdbx_TLS_residual_ADP_flag               ? 
_refine.pdbx_overall_phase_error                 ? 
_refine.pdbx_overall_SU_R_free_Cruickshank_DPI   ? 
_refine.pdbx_overall_SU_R_Blow_DPI               ? 
_refine.pdbx_overall_SU_R_free_Blow_DPI          ? 
# 
_refine_analyze.entry_id                        1MHK 
_refine_analyze.Luzzati_coordinate_error_obs    0.42 
_refine_analyze.Luzzati_sigma_a_obs             0.59 
_refine_analyze.Luzzati_d_res_low_obs           5.00 
_refine_analyze.Luzzati_coordinate_error_free   0.49 
_refine_analyze.Luzzati_sigma_a_free            0.57 
_refine_analyze.Luzzati_d_res_low_free          ? 
_refine_analyze.number_disordered_residues      ? 
_refine_analyze.occupancy_sum_hydrogen          ? 
_refine_analyze.occupancy_sum_non_hydrogen      ? 
_refine_analyze.pdbx_refine_id                  'X-RAY DIFFRACTION' 
# 
_refine_hist.pdbx_refine_id                   'X-RAY DIFFRACTION' 
_refine_hist.cycle_id                         LAST 
_refine_hist.pdbx_number_atoms_protein        0 
_refine_hist.pdbx_number_atoms_nucleic_acid   548 
_refine_hist.pdbx_number_atoms_ligand         1 
_refine_hist.number_atoms_solvent             21 
_refine_hist.number_atoms_total               570 
_refine_hist.d_res_high                       2.50 
_refine_hist.d_res_low                        15.0 
# 
loop_
_refine_ls_restr.type 
_refine_ls_restr.dev_ideal 
_refine_ls_restr.dev_ideal_target 
_refine_ls_restr.weight 
_refine_ls_restr.number 
_refine_ls_restr.pdbx_refine_id 
_refine_ls_restr.pdbx_restraint_function 
c_bond_d           0.006 ? ? ? 'X-RAY DIFFRACTION' ? 
c_angle_deg        1.08  ? ? ? 'X-RAY DIFFRACTION' ? 
c_dihedral_angle_d 14.0  ? ? ? 'X-RAY DIFFRACTION' ? 
c_improper_angle_d 1.46  ? ? ? 'X-RAY DIFFRACTION' ? 
# 
_refine_ls_shell.pdbx_total_number_of_bins_used   6 
_refine_ls_shell.d_res_high                       2.50 
_refine_ls_shell.d_res_low                        2.66 
_refine_ls_shell.number_reflns_R_work             359 
_refine_ls_shell.R_factor_R_work                  0.404 
_refine_ls_shell.percent_reflns_obs               78.8 
_refine_ls_shell.R_factor_R_free                  0.335 
_refine_ls_shell.R_factor_R_free_error            0.060 
_refine_ls_shell.percent_reflns_R_free            7.4 
_refine_ls_shell.number_reflns_R_free             31 
_refine_ls_shell.redundancy_reflns_obs            ? 
_refine_ls_shell.pdbx_refine_id                   'X-RAY DIFFRACTION' 
_refine_ls_shell.number_reflns_all                ? 
_refine_ls_shell.R_factor_all                     ? 
# 
loop_
_pdbx_xplor_file.serial_no 
_pdbx_xplor_file.param_file 
_pdbx_xplor_file.topol_file 
_pdbx_xplor_file.pdbx_refine_id 
1 DNA-RNA_REP-BR2.PARAM DNA-RNA-BR2.TOP 'X-RAY DIFFRACTION' 
2 WATER.PARAM           WATER.TOP       'X-RAY DIFFRACTION' 
3 ION.PARAM             ION.TOP         'X-RAY DIFFRACTION' 
# 
_struct.entry_id                  1MHK 
_struct.title                     'Crystal Structure Analysis of a 26mer RNA molecule, representing a new RNA motif, the hook-turn' 
_struct.pdbx_model_details        ? 
_struct.pdbx_CASP_flag            ? 
_struct.pdbx_model_type_details   ? 
# 
_struct_keywords.entry_id        1MHK 
_struct_keywords.pdbx_keywords   RNA 
_struct_keywords.text            'helix, 180 degree turn, RNA' 
# 
loop_
_struct_asym.id 
_struct_asym.pdbx_blank_PDB_chainid_flag 
_struct_asym.pdbx_modified 
_struct_asym.entity_id 
_struct_asym.details 
A N N 1 ? 
B N N 2 ? 
C N N 3 ? 
D N N 4 ? 
E N N 4 ? 
# 
loop_
_struct_ref.id 
_struct_ref.entity_id 
_struct_ref.db_name 
_struct_ref.db_code 
_struct_ref.pdbx_db_accession 
_struct_ref.pdbx_db_isoform 
_struct_ref.pdbx_seq_one_letter_code 
_struct_ref.pdbx_align_begin 
1 1 PDB 1MHK 1MHK ? ? ? 
2 2 PDB 1MHK 1MHK ? ? ? 
# 
loop_
_struct_ref_seq.align_id 
_struct_ref_seq.ref_id 
_struct_ref_seq.pdbx_PDB_id_code 
_struct_ref_seq.pdbx_strand_id 
_struct_ref_seq.seq_align_beg 
_struct_ref_seq.pdbx_seq_align_beg_ins_code 
_struct_ref_seq.seq_align_end 
_struct_ref_seq.pdbx_seq_align_end_ins_code 
_struct_ref_seq.pdbx_db_accession 
_struct_ref_seq.db_align_beg 
_struct_ref_seq.pdbx_db_align_beg_ins_code 
_struct_ref_seq.db_align_end 
_struct_ref_seq.pdbx_db_align_end_ins_code 
_struct_ref_seq.pdbx_auth_seq_align_beg 
_struct_ref_seq.pdbx_auth_seq_align_end 
1 1 1MHK S 1 ? 12 ? 1MHK 1 ? 12 ? 1 12 
2 2 1MHK L 1 ? 14 ? 1MHK 1 ? 14 ? 1 14 
# 
_pdbx_struct_assembly.id                   1 
_pdbx_struct_assembly.details              author_defined_assembly 
_pdbx_struct_assembly.method_details       ? 
_pdbx_struct_assembly.oligomeric_details   dimeric 
_pdbx_struct_assembly.oligomeric_count     2 
# 
_pdbx_struct_assembly_gen.assembly_id       1 
_pdbx_struct_assembly_gen.oper_expression   1 
_pdbx_struct_assembly_gen.asym_id_list      A,B,C,D,E 
# 
_pdbx_struct_oper_list.id                   1 
_pdbx_struct_oper_list.type                 'identity operation' 
_pdbx_struct_oper_list.name                 1_555 
_pdbx_struct_oper_list.symmetry_operation   x,y,z 
_pdbx_struct_oper_list.matrix[1][1]         1.0000000000 
_pdbx_struct_oper_list.matrix[1][2]         0.0000000000 
_pdbx_struct_oper_list.matrix[1][3]         0.0000000000 
_pdbx_struct_oper_list.vector[1]            0.0000000000 
_pdbx_struct_oper_list.matrix[2][1]         0.0000000000 
_pdbx_struct_oper_list.matrix[2][2]         1.0000000000 
_pdbx_struct_oper_list.matrix[2][3]         0.0000000000 
_pdbx_struct_oper_list.vector[2]            0.0000000000 
_pdbx_struct_oper_list.matrix[3][1]         0.0000000000 
_pdbx_struct_oper_list.matrix[3][2]         0.0000000000 
_pdbx_struct_oper_list.matrix[3][3]         1.0000000000 
_pdbx_struct_oper_list.vector[3]            0.0000000000 
# 
_struct_biol.id                    1 
_struct_biol.pdbx_parent_biol_id   ? 
_struct_biol.details               ? 
# 
loop_
_struct_conn.id 
_struct_conn.conn_type_id 
_struct_conn.pdbx_leaving_atom_flag 
_struct_conn.pdbx_PDB_id 
_struct_conn.ptnr1_label_asym_id 
_struct_conn.ptnr1_label_comp_id 
_struct_conn.ptnr1_label_seq_id 
_struct_conn.ptnr1_label_atom_id 
_struct_conn.pdbx_ptnr1_label_alt_id 
_struct_conn.pdbx_ptnr1_PDB_ins_code 
_struct_conn.pdbx_ptnr1_standard_comp_id 
_struct_conn.ptnr1_symmetry 
_struct_conn.ptnr2_label_asym_id 
_struct_conn.ptnr2_label_comp_id 
_struct_conn.ptnr2_label_seq_id 
_struct_conn.ptnr2_label_atom_id 
_struct_conn.pdbx_ptnr2_label_alt_id 
_struct_conn.pdbx_ptnr2_PDB_ins_code 
_struct_conn.ptnr1_auth_asym_id 
_struct_conn.ptnr1_auth_comp_id 
_struct_conn.ptnr1_auth_seq_id 
_struct_conn.ptnr2_auth_asym_id 
_struct_conn.ptnr2_auth_comp_id 
_struct_conn.ptnr2_auth_seq_id 
_struct_conn.ptnr2_symmetry 
_struct_conn.pdbx_ptnr3_label_atom_id 
_struct_conn.pdbx_ptnr3_label_seq_id 
_struct_conn.pdbx_ptnr3_label_comp_id 
_struct_conn.pdbx_ptnr3_label_asym_id 
_struct_conn.pdbx_ptnr3_label_alt_id 
_struct_conn.pdbx_ptnr3_PDB_ins_code 
_struct_conn.details 
_struct_conn.pdbx_dist_value 
_struct_conn.pdbx_value_order 
_struct_conn.pdbx_role 
covale1  covale one ? A U 4 C5 ? ? ? 1_555 C BR .  BR ? ? S U 4 S BR 13 1_555 ? ? ? ? ? ? ?             1.875 ? ? 
hydrog1  hydrog ?   ? A C 1 N3 ? ? ? 1_555 B G  14 N1 ? ? S C 1 L G  14 1_555 ? ? ? ? ? ? WATSON-CRICK  ?     ? ? 
hydrog2  hydrog ?   ? A C 1 N4 ? ? ? 1_555 B G  14 O6 ? ? S C 1 L G  14 1_555 ? ? ? ? ? ? WATSON-CRICK  ?     ? ? 
hydrog3  hydrog ?   ? A C 1 O2 ? ? ? 1_555 B G  14 N2 ? ? S C 1 L G  14 1_555 ? ? ? ? ? ? WATSON-CRICK  ?     ? ? 
hydrog4  hydrog ?   ? A C 2 N3 ? ? ? 1_555 B G  13 N1 ? ? S C 2 L G  13 1_555 ? ? ? ? ? ? WATSON-CRICK  ?     ? ? 
hydrog5  hydrog ?   ? A C 2 N4 ? ? ? 1_555 B G  13 O6 ? ? S C 2 L G  13 1_555 ? ? ? ? ? ? WATSON-CRICK  ?     ? ? 
hydrog6  hydrog ?   ? A C 2 O2 ? ? ? 1_555 B G  13 N2 ? ? S C 2 L G  13 1_555 ? ? ? ? ? ? WATSON-CRICK  ?     ? ? 
hydrog7  hydrog ?   ? A A 3 N1 ? ? ? 1_555 B U  12 N3 ? ? S A 3 L U  12 1_555 ? ? ? ? ? ? WATSON-CRICK  ?     ? ? 
hydrog8  hydrog ?   ? A A 3 N6 ? ? ? 1_555 B U  12 O4 ? ? S A 3 L U  12 1_555 ? ? ? ? ? ? WATSON-CRICK  ?     ? ? 
hydrog9  hydrog ?   ? A U 4 N3 ? ? ? 1_555 B G  11 O6 ? ? S U 4 L G  11 1_555 ? ? ? ? ? ? TYPE_28_PAIR  ?     ? ? 
hydrog10 hydrog ?   ? A U 4 O2 ? ? ? 1_555 B G  11 N1 ? ? S U 4 L G  11 1_555 ? ? ? ? ? ? TYPE_28_PAIR  ?     ? ? 
hydrog11 hydrog ?   ? A G 5 N1 ? ? ? 1_555 B U  10 O2 ? ? S G 5 L U  10 1_555 ? ? ? ? ? ? TYPE_28_PAIR  ?     ? ? 
hydrog12 hydrog ?   ? A G 5 O6 ? ? ? 1_555 B U  10 N3 ? ? S G 5 L U  10 1_555 ? ? ? ? ? ? TYPE_28_PAIR  ?     ? ? 
hydrog13 hydrog ?   ? A C 6 N3 ? ? ? 1_555 B G  9  N1 ? ? S C 6 L G  9  1_555 ? ? ? ? ? ? WATSON-CRICK  ?     ? ? 
hydrog14 hydrog ?   ? A C 6 N4 ? ? ? 1_555 B G  9  O6 ? ? S C 6 L G  9  1_555 ? ? ? ? ? ? WATSON-CRICK  ?     ? ? 
hydrog15 hydrog ?   ? A C 6 O2 ? ? ? 1_555 B G  9  N2 ? ? S C 6 L G  9  1_555 ? ? ? ? ? ? WATSON-CRICK  ?     ? ? 
hydrog16 hydrog ?   ? A G 7 N2 ? ? ? 1_555 B A  8  N7 ? ? S G 7 L A  8  1_555 ? ? ? ? ? ? TYPE_11_PAIR  ?     ? ? 
hydrog17 hydrog ?   ? A G 7 N3 ? ? ? 1_555 B A  8  N6 ? ? S G 7 L A  8  1_555 ? ? ? ? ? ? TYPE_11_PAIR  ?     ? ? 
hydrog18 hydrog ?   ? A A 8 N7 ? ? ? 1_555 B U  7  N3 ? ? S A 8 L U  7  1_555 ? ? ? ? ? ? 'A-U PAIR'    ?     ? ? 
hydrog19 hydrog ?   ? A A 9 N3 ? ? ? 1_555 B G  9  N2 ? ? S A 9 L G  9  1_555 ? ? ? ? ? ? 'A-G MISPAIR' ?     ? ? 
hydrog20 hydrog ?   ? B C 1 N4 ? ? ? 1_555 B C  6  N3 ? ? L C 1 L C  6  2_556 ? ? ? ? ? ? 'C-C MISPAIR' ?     ? ? 
hydrog21 hydrog ?   ? B G 2 N1 ? ? ? 1_555 B C  5  N3 ? ? L G 2 L C  5  2_556 ? ? ? ? ? ? WATSON-CRICK  ?     ? ? 
hydrog22 hydrog ?   ? B G 2 N2 ? ? ? 1_555 B C  5  O2 ? ? L G 2 L C  5  2_556 ? ? ? ? ? ? WATSON-CRICK  ?     ? ? 
hydrog23 hydrog ?   ? B G 2 O6 ? ? ? 1_555 B C  5  N4 ? ? L G 2 L C  5  2_556 ? ? ? ? ? ? WATSON-CRICK  ?     ? ? 
hydrog24 hydrog ?   ? B A 3 N1 ? ? ? 1_555 B U  4  N3 ? ? L A 3 L U  4  2_556 ? ? ? ? ? ? WATSON-CRICK  ?     ? ? 
hydrog25 hydrog ?   ? B A 3 N6 ? ? ? 1_555 B U  4  O4 ? ? L A 3 L U  4  2_556 ? ? ? ? ? ? WATSON-CRICK  ?     ? ? 
hydrog26 hydrog ?   ? B U 4 N3 ? ? ? 1_555 B A  3  N1 ? ? L U 4 L A  3  2_556 ? ? ? ? ? ? WATSON-CRICK  ?     ? ? 
hydrog27 hydrog ?   ? B U 4 O4 ? ? ? 1_555 B A  3  N6 ? ? L U 4 L A  3  2_556 ? ? ? ? ? ? WATSON-CRICK  ?     ? ? 
hydrog28 hydrog ?   ? B C 5 N3 ? ? ? 1_555 B G  2  N1 ? ? L C 5 L G  2  2_556 ? ? ? ? ? ? WATSON-CRICK  ?     ? ? 
hydrog29 hydrog ?   ? B C 5 N4 ? ? ? 1_555 B G  2  O6 ? ? L C 5 L G  2  2_556 ? ? ? ? ? ? WATSON-CRICK  ?     ? ? 
hydrog30 hydrog ?   ? B C 5 O2 ? ? ? 1_555 B G  2  N2 ? ? L C 5 L G  2  2_556 ? ? ? ? ? ? WATSON-CRICK  ?     ? ? 
hydrog31 hydrog ?   ? B C 6 N3 ? ? ? 1_555 B C  1  N4 ? ? L C 6 L C  1  2_556 ? ? ? ? ? ? 'C-C MISPAIR' ?     ? ? 
# 
loop_
_struct_conn_type.id 
_struct_conn_type.criteria 
_struct_conn_type.reference 
covale ? ? 
hydrog ? ? 
# 
_struct_site.id                   AC1 
_struct_site.pdbx_evidence_code   Software 
_struct_site.pdbx_auth_asym_id    S 
_struct_site.pdbx_auth_comp_id    BR 
_struct_site.pdbx_auth_seq_id     13 
_struct_site.pdbx_auth_ins_code   ? 
_struct_site.pdbx_num_residues    2 
_struct_site.details              'BINDING SITE FOR RESIDUE BR S 13' 
# 
loop_
_struct_site_gen.id 
_struct_site_gen.site_id 
_struct_site_gen.pdbx_num_res 
_struct_site_gen.label_comp_id 
_struct_site_gen.label_asym_id 
_struct_site_gen.label_seq_id 
_struct_site_gen.pdbx_auth_ins_code 
_struct_site_gen.auth_comp_id 
_struct_site_gen.auth_asym_id 
_struct_site_gen.auth_seq_id 
_struct_site_gen.label_atom_id 
_struct_site_gen.label_alt_id 
_struct_site_gen.symmetry 
_struct_site_gen.details 
1 AC1 2 A A 3 ? A S 3 . ? 1_555 ? 
2 AC1 2 U A 4 ? U S 4 . ? 1_555 ? 
# 
loop_
_pdbx_struct_special_symmetry.id 
_pdbx_struct_special_symmetry.PDB_model_num 
_pdbx_struct_special_symmetry.auth_asym_id 
_pdbx_struct_special_symmetry.auth_comp_id 
_pdbx_struct_special_symmetry.auth_seq_id 
_pdbx_struct_special_symmetry.PDB_ins_code 
_pdbx_struct_special_symmetry.label_asym_id 
_pdbx_struct_special_symmetry.label_comp_id 
_pdbx_struct_special_symmetry.label_seq_id 
1 1 S HOH 16 ? D HOH . 
2 1 L HOH 19 ? E HOH . 
# 
loop_
_chem_comp_atom.comp_id 
_chem_comp_atom.atom_id 
_chem_comp_atom.type_symbol 
_chem_comp_atom.pdbx_aromatic_flag 
_chem_comp_atom.pdbx_stereo_config 
_chem_comp_atom.pdbx_ordinal 
A   OP3    O  N N 1   
A   P      P  N N 2   
A   OP1    O  N N 3   
A   OP2    O  N N 4   
A   "O5'"  O  N N 5   
A   "C5'"  C  N N 6   
A   "C4'"  C  N R 7   
A   "O4'"  O  N N 8   
A   "C3'"  C  N S 9   
A   "O3'"  O  N N 10  
A   "C2'"  C  N R 11  
A   "O2'"  O  N N 12  
A   "C1'"  C  N R 13  
A   N9     N  Y N 14  
A   C8     C  Y N 15  
A   N7     N  Y N 16  
A   C5     C  Y N 17  
A   C6     C  Y N 18  
A   N6     N  N N 19  
A   N1     N  Y N 20  
A   C2     C  Y N 21  
A   N3     N  Y N 22  
A   C4     C  Y N 23  
A   HOP3   H  N N 24  
A   HOP2   H  N N 25  
A   "H5'"  H  N N 26  
A   "H5''" H  N N 27  
A   "H4'"  H  N N 28  
A   "H3'"  H  N N 29  
A   "HO3'" H  N N 30  
A   "H2'"  H  N N 31  
A   "HO2'" H  N N 32  
A   "H1'"  H  N N 33  
A   H8     H  N N 34  
A   H61    H  N N 35  
A   H62    H  N N 36  
A   H2     H  N N 37  
BR  BR     BR N N 38  
C   OP3    O  N N 39  
C   P      P  N N 40  
C   OP1    O  N N 41  
C   OP2    O  N N 42  
C   "O5'"  O  N N 43  
C   "C5'"  C  N N 44  
C   "C4'"  C  N R 45  
C   "O4'"  O  N N 46  
C   "C3'"  C  N S 47  
C   "O3'"  O  N N 48  
C   "C2'"  C  N R 49  
C   "O2'"  O  N N 50  
C   "C1'"  C  N R 51  
C   N1     N  N N 52  
C   C2     C  N N 53  
C   O2     O  N N 54  
C   N3     N  N N 55  
C   C4     C  N N 56  
C   N4     N  N N 57  
C   C5     C  N N 58  
C   C6     C  N N 59  
C   HOP3   H  N N 60  
C   HOP2   H  N N 61  
C   "H5'"  H  N N 62  
C   "H5''" H  N N 63  
C   "H4'"  H  N N 64  
C   "H3'"  H  N N 65  
C   "HO3'" H  N N 66  
C   "H2'"  H  N N 67  
C   "HO2'" H  N N 68  
C   "H1'"  H  N N 69  
C   H41    H  N N 70  
C   H42    H  N N 71  
C   H5     H  N N 72  
C   H6     H  N N 73  
G   OP3    O  N N 74  
G   P      P  N N 75  
G   OP1    O  N N 76  
G   OP2    O  N N 77  
G   "O5'"  O  N N 78  
G   "C5'"  C  N N 79  
G   "C4'"  C  N R 80  
G   "O4'"  O  N N 81  
G   "C3'"  C  N S 82  
G   "O3'"  O  N N 83  
G   "C2'"  C  N R 84  
G   "O2'"  O  N N 85  
G   "C1'"  C  N R 86  
G   N9     N  Y N 87  
G   C8     C  Y N 88  
G   N7     N  Y N 89  
G   C5     C  Y N 90  
G   C6     C  N N 91  
G   O6     O  N N 92  
G   N1     N  N N 93  
G   C2     C  N N 94  
G   N2     N  N N 95  
G   N3     N  N N 96  
G   C4     C  Y N 97  
G   HOP3   H  N N 98  
G   HOP2   H  N N 99  
G   "H5'"  H  N N 100 
G   "H5''" H  N N 101 
G   "H4'"  H  N N 102 
G   "H3'"  H  N N 103 
G   "HO3'" H  N N 104 
G   "H2'"  H  N N 105 
G   "HO2'" H  N N 106 
G   "H1'"  H  N N 107 
G   H8     H  N N 108 
G   H1     H  N N 109 
G   H21    H  N N 110 
G   H22    H  N N 111 
HOH O      O  N N 112 
HOH H1     H  N N 113 
HOH H2     H  N N 114 
U   OP3    O  N N 115 
U   P      P  N N 116 
U   OP1    O  N N 117 
U   OP2    O  N N 118 
U   "O5'"  O  N N 119 
U   "C5'"  C  N N 120 
U   "C4'"  C  N R 121 
U   "O4'"  O  N N 122 
U   "C3'"  C  N S 123 
U   "O3'"  O  N N 124 
U   "C2'"  C  N R 125 
U   "O2'"  O  N N 126 
U   "C1'"  C  N R 127 
U   N1     N  N N 128 
U   C2     C  N N 129 
U   O2     O  N N 130 
U   N3     N  N N 131 
U   C4     C  N N 132 
U   O4     O  N N 133 
U   C5     C  N N 134 
U   C6     C  N N 135 
U   HOP3   H  N N 136 
U   HOP2   H  N N 137 
U   "H5'"  H  N N 138 
U   "H5''" H  N N 139 
U   "H4'"  H  N N 140 
U   "H3'"  H  N N 141 
U   "HO3'" H  N N 142 
U   "H2'"  H  N N 143 
U   "HO2'" H  N N 144 
U   "H1'"  H  N N 145 
U   H3     H  N N 146 
U   H5     H  N N 147 
U   H6     H  N N 148 
# 
loop_
_chem_comp_bond.comp_id 
_chem_comp_bond.atom_id_1 
_chem_comp_bond.atom_id_2 
_chem_comp_bond.value_order 
_chem_comp_bond.pdbx_aromatic_flag 
_chem_comp_bond.pdbx_stereo_config 
_chem_comp_bond.pdbx_ordinal 
A   OP3   P      sing N N 1   
A   OP3   HOP3   sing N N 2   
A   P     OP1    doub N N 3   
A   P     OP2    sing N N 4   
A   P     "O5'"  sing N N 5   
A   OP2   HOP2   sing N N 6   
A   "O5'" "C5'"  sing N N 7   
A   "C5'" "C4'"  sing N N 8   
A   "C5'" "H5'"  sing N N 9   
A   "C5'" "H5''" sing N N 10  
A   "C4'" "O4'"  sing N N 11  
A   "C4'" "C3'"  sing N N 12  
A   "C4'" "H4'"  sing N N 13  
A   "O4'" "C1'"  sing N N 14  
A   "C3'" "O3'"  sing N N 15  
A   "C3'" "C2'"  sing N N 16  
A   "C3'" "H3'"  sing N N 17  
A   "O3'" "HO3'" sing N N 18  
A   "C2'" "O2'"  sing N N 19  
A   "C2'" "C1'"  sing N N 20  
A   "C2'" "H2'"  sing N N 21  
A   "O2'" "HO2'" sing N N 22  
A   "C1'" N9     sing N N 23  
A   "C1'" "H1'"  sing N N 24  
A   N9    C8     sing Y N 25  
A   N9    C4     sing Y N 26  
A   C8    N7     doub Y N 27  
A   C8    H8     sing N N 28  
A   N7    C5     sing Y N 29  
A   C5    C6     sing Y N 30  
A   C5    C4     doub Y N 31  
A   C6    N6     sing N N 32  
A   C6    N1     doub Y N 33  
A   N6    H61    sing N N 34  
A   N6    H62    sing N N 35  
A   N1    C2     sing Y N 36  
A   C2    N3     doub Y N 37  
A   C2    H2     sing N N 38  
A   N3    C4     sing Y N 39  
C   OP3   P      sing N N 40  
C   OP3   HOP3   sing N N 41  
C   P     OP1    doub N N 42  
C   P     OP2    sing N N 43  
C   P     "O5'"  sing N N 44  
C   OP2   HOP2   sing N N 45  
C   "O5'" "C5'"  sing N N 46  
C   "C5'" "C4'"  sing N N 47  
C   "C5'" "H5'"  sing N N 48  
C   "C5'" "H5''" sing N N 49  
C   "C4'" "O4'"  sing N N 50  
C   "C4'" "C3'"  sing N N 51  
C   "C4'" "H4'"  sing N N 52  
C   "O4'" "C1'"  sing N N 53  
C   "C3'" "O3'"  sing N N 54  
C   "C3'" "C2'"  sing N N 55  
C   "C3'" "H3'"  sing N N 56  
C   "O3'" "HO3'" sing N N 57  
C   "C2'" "O2'"  sing N N 58  
C   "C2'" "C1'"  sing N N 59  
C   "C2'" "H2'"  sing N N 60  
C   "O2'" "HO2'" sing N N 61  
C   "C1'" N1     sing N N 62  
C   "C1'" "H1'"  sing N N 63  
C   N1    C2     sing N N 64  
C   N1    C6     sing N N 65  
C   C2    O2     doub N N 66  
C   C2    N3     sing N N 67  
C   N3    C4     doub N N 68  
C   C4    N4     sing N N 69  
C   C4    C5     sing N N 70  
C   N4    H41    sing N N 71  
C   N4    H42    sing N N 72  
C   C5    C6     doub N N 73  
C   C5    H5     sing N N 74  
C   C6    H6     sing N N 75  
G   OP3   P      sing N N 76  
G   OP3   HOP3   sing N N 77  
G   P     OP1    doub N N 78  
G   P     OP2    sing N N 79  
G   P     "O5'"  sing N N 80  
G   OP2   HOP2   sing N N 81  
G   "O5'" "C5'"  sing N N 82  
G   "C5'" "C4'"  sing N N 83  
G   "C5'" "H5'"  sing N N 84  
G   "C5'" "H5''" sing N N 85  
G   "C4'" "O4'"  sing N N 86  
G   "C4'" "C3'"  sing N N 87  
G   "C4'" "H4'"  sing N N 88  
G   "O4'" "C1'"  sing N N 89  
G   "C3'" "O3'"  sing N N 90  
G   "C3'" "C2'"  sing N N 91  
G   "C3'" "H3'"  sing N N 92  
G   "O3'" "HO3'" sing N N 93  
G   "C2'" "O2'"  sing N N 94  
G   "C2'" "C1'"  sing N N 95  
G   "C2'" "H2'"  sing N N 96  
G   "O2'" "HO2'" sing N N 97  
G   "C1'" N9     sing N N 98  
G   "C1'" "H1'"  sing N N 99  
G   N9    C8     sing Y N 100 
G   N9    C4     sing Y N 101 
G   C8    N7     doub Y N 102 
G   C8    H8     sing N N 103 
G   N7    C5     sing Y N 104 
G   C5    C6     sing N N 105 
G   C5    C4     doub Y N 106 
G   C6    O6     doub N N 107 
G   C6    N1     sing N N 108 
G   N1    C2     sing N N 109 
G   N1    H1     sing N N 110 
G   C2    N2     sing N N 111 
G   C2    N3     doub N N 112 
G   N2    H21    sing N N 113 
G   N2    H22    sing N N 114 
G   N3    C4     sing N N 115 
HOH O     H1     sing N N 116 
HOH O     H2     sing N N 117 
U   OP3   P      sing N N 118 
U   OP3   HOP3   sing N N 119 
U   P     OP1    doub N N 120 
U   P     OP2    sing N N 121 
U   P     "O5'"  sing N N 122 
U   OP2   HOP2   sing N N 123 
U   "O5'" "C5'"  sing N N 124 
U   "C5'" "C4'"  sing N N 125 
U   "C5'" "H5'"  sing N N 126 
U   "C5'" "H5''" sing N N 127 
U   "C4'" "O4'"  sing N N 128 
U   "C4'" "C3'"  sing N N 129 
U   "C4'" "H4'"  sing N N 130 
U   "O4'" "C1'"  sing N N 131 
U   "C3'" "O3'"  sing N N 132 
U   "C3'" "C2'"  sing N N 133 
U   "C3'" "H3'"  sing N N 134 
U   "O3'" "HO3'" sing N N 135 
U   "C2'" "O2'"  sing N N 136 
U   "C2'" "C1'"  sing N N 137 
U   "C2'" "H2'"  sing N N 138 
U   "O2'" "HO2'" sing N N 139 
U   "C1'" N1     sing N N 140 
U   "C1'" "H1'"  sing N N 141 
U   N1    C2     sing N N 142 
U   N1    C6     sing N N 143 
U   C2    O2     doub N N 144 
U   C2    N3     sing N N 145 
U   N3    C4     sing N N 146 
U   N3    H3     sing N N 147 
U   C4    O4     doub N N 148 
U   C4    C5     sing N N 149 
U   C5    C6     doub N N 150 
U   C5    H5     sing N N 151 
U   C6    H6     sing N N 152 
# 
loop_
_ndb_struct_conf_na.entry_id 
_ndb_struct_conf_na.feature 
1MHK 'double helix'         
1MHK 'a-form double helix'  
1MHK 'mismatched base pair' 
# 
loop_
_ndb_struct_na_base_pair.model_number 
_ndb_struct_na_base_pair.i_label_asym_id 
_ndb_struct_na_base_pair.i_label_comp_id 
_ndb_struct_na_base_pair.i_label_seq_id 
_ndb_struct_na_base_pair.i_symmetry 
_ndb_struct_na_base_pair.j_label_asym_id 
_ndb_struct_na_base_pair.j_label_comp_id 
_ndb_struct_na_base_pair.j_label_seq_id 
_ndb_struct_na_base_pair.j_symmetry 
_ndb_struct_na_base_pair.shear 
_ndb_struct_na_base_pair.stretch 
_ndb_struct_na_base_pair.stagger 
_ndb_struct_na_base_pair.buckle 
_ndb_struct_na_base_pair.propeller 
_ndb_struct_na_base_pair.opening 
_ndb_struct_na_base_pair.pair_number 
_ndb_struct_na_base_pair.pair_name 
_ndb_struct_na_base_pair.i_auth_asym_id 
_ndb_struct_na_base_pair.i_auth_seq_id 
_ndb_struct_na_base_pair.i_PDB_ins_code 
_ndb_struct_na_base_pair.j_auth_asym_id 
_ndb_struct_na_base_pair.j_auth_seq_id 
_ndb_struct_na_base_pair.j_PDB_ins_code 
_ndb_struct_na_base_pair.hbond_type_28 
_ndb_struct_na_base_pair.hbond_type_12 
1 A C 1 1_555 B G 14 1_555 0.230  0.037  0.061  5.486   -5.863  3.598    1  S_C1:G14_L S 1 ? L 14 ? 19 1  
1 A C 2 1_555 B G 13 1_555 0.193  0.052  -0.033 3.710   -10.321 1.946    2  S_C2:G13_L S 2 ? L 13 ? 19 1  
1 A A 3 1_555 B U 12 1_555 0.417  0.010  -0.096 -2.348  -16.880 4.085    3  S_A3:U12_L S 3 ? L 12 ? 20 1  
1 A U 4 1_555 B G 11 1_555 2.236  -0.603 0.040  4.210   -12.366 -2.437   4  S_U4:G11_L S 4 ? L 11 ? 28 ?  
1 A G 5 1_555 B U 10 1_555 -2.519 -0.508 -0.262 -4.426  -7.544  -0.544   5  S_G5:U10_L S 5 ? L 10 ? 28 ?  
1 A C 6 1_555 B G 9  1_555 0.077  -0.208 -0.013 3.108   -12.388 -1.325   6  S_C6:G9_L  S 6 ? L 9  ? 19 1  
1 A G 7 1_555 B A 8  1_555 6.664  -4.470 -0.049 3.994   -15.825 -4.493   7  S_G7:A8_L  S 7 ? L 8  ? 11 10 
1 A A 8 1_555 B U 7  1_555 -4.632 -1.210 0.290  -1.972  -6.488  -110.074 8  S_A8:U7_L  S 8 ? L 7  ? ?  ?  
1 B C 1 1_555 B C 6  2_556 -2.404 -1.722 0.721  -14.178 -15.231 18.219   9  L_C1:C6_L  L 1 ? L 6  ? ?  ?  
1 B G 2 1_555 B C 5  2_556 -1.200 -0.072 0.042  -4.003  -5.311  8.094    10 L_G2:C5_L  L 2 ? L 5  ? 19 1  
1 B A 3 1_555 B U 4  2_556 -0.217 -0.220 0.364  1.334   -8.800  2.595    11 L_A3:U4_L  L 3 ? L 4  ? 20 1  
1 B U 4 1_555 B A 3  2_556 0.217  -0.220 0.364  -1.334  -8.800  2.595    12 L_U4:A3_L  L 4 ? L 3  ? 20 1  
1 B C 5 1_555 B G 2  2_556 1.200  -0.072 0.042  4.003   -5.311  8.094    13 L_C5:G2_L  L 5 ? L 2  ? 19 1  
1 B C 6 1_555 B C 1  2_556 2.404  -1.722 0.721  14.178  -15.231 18.219   14 L_C6:C1_L  L 6 ? L 1  ? ?  ?  
# 
loop_
_ndb_struct_na_base_pair_step.model_number 
_ndb_struct_na_base_pair_step.i_label_asym_id_1 
_ndb_struct_na_base_pair_step.i_label_comp_id_1 
_ndb_struct_na_base_pair_step.i_label_seq_id_1 
_ndb_struct_na_base_pair_step.i_symmetry_1 
_ndb_struct_na_base_pair_step.j_label_asym_id_1 
_ndb_struct_na_base_pair_step.j_label_comp_id_1 
_ndb_struct_na_base_pair_step.j_label_seq_id_1 
_ndb_struct_na_base_pair_step.j_symmetry_1 
_ndb_struct_na_base_pair_step.i_label_asym_id_2 
_ndb_struct_na_base_pair_step.i_label_comp_id_2 
_ndb_struct_na_base_pair_step.i_label_seq_id_2 
_ndb_struct_na_base_pair_step.i_symmetry_2 
_ndb_struct_na_base_pair_step.j_label_asym_id_2 
_ndb_struct_na_base_pair_step.j_label_comp_id_2 
_ndb_struct_na_base_pair_step.j_label_seq_id_2 
_ndb_struct_na_base_pair_step.j_symmetry_2 
_ndb_struct_na_base_pair_step.shift 
_ndb_struct_na_base_pair_step.slide 
_ndb_struct_na_base_pair_step.rise 
_ndb_struct_na_base_pair_step.tilt 
_ndb_struct_na_base_pair_step.roll 
_ndb_struct_na_base_pair_step.twist 
_ndb_struct_na_base_pair_step.x_displacement 
_ndb_struct_na_base_pair_step.y_displacement 
_ndb_struct_na_base_pair_step.helical_rise 
_ndb_struct_na_base_pair_step.inclination 
_ndb_struct_na_base_pair_step.tip 
_ndb_struct_na_base_pair_step.helical_twist 
_ndb_struct_na_base_pair_step.step_number 
_ndb_struct_na_base_pair_step.step_name 
_ndb_struct_na_base_pair_step.i_auth_asym_id_1 
_ndb_struct_na_base_pair_step.i_auth_seq_id_1 
_ndb_struct_na_base_pair_step.i_PDB_ins_code_1 
_ndb_struct_na_base_pair_step.j_auth_asym_id_1 
_ndb_struct_na_base_pair_step.j_auth_seq_id_1 
_ndb_struct_na_base_pair_step.j_PDB_ins_code_1 
_ndb_struct_na_base_pair_step.i_auth_asym_id_2 
_ndb_struct_na_base_pair_step.i_auth_seq_id_2 
_ndb_struct_na_base_pair_step.i_PDB_ins_code_2 
_ndb_struct_na_base_pair_step.j_auth_asym_id_2 
_ndb_struct_na_base_pair_step.j_auth_seq_id_2 
_ndb_struct_na_base_pair_step.j_PDB_ins_code_2 
1 A C 1 1_555 B G 14 1_555 A C 2 1_555 B G 13 1_555 -0.370 -1.958 3.332 -0.931  4.261  29.665  -4.646  0.528   3.038  8.266   
1.807   29.977  1  SS_C1C2:G13G14_LL S 1 ? L 14 ? S 2 ? L 13 ? 
1 A C 2 1_555 B G 13 1_555 A A 3 1_555 B U 12 1_555 -0.331 -1.423 3.433 0.631   10.679 31.165  -4.300  0.691   2.800  19.182  
-1.134  32.907  2  SS_C2A3:U12G13_LL S 2 ? L 13 ? S 3 ? L 12 ? 
1 A A 3 1_555 B U 12 1_555 A U 4 1_555 B G 11 1_555 -0.430 -1.105 3.059 -0.777  8.186  36.945  -2.655  0.573   2.768  12.724  
1.208   37.818  3  SS_A3U4:G11U12_LL S 3 ? L 12 ? S 4 ? L 11 ? 
1 A U 4 1_555 B G 11 1_555 A G 5 1_555 B U 10 1_555 0.439  -2.689 3.347 0.316   10.726 14.590  -13.189 -1.258  1.125  36.472  
-1.074  18.095  4  SS_U4G5:U10G11_LL S 4 ? L 11 ? S 5 ? L 10 ? 
1 A G 5 1_555 B U 10 1_555 A C 6 1_555 B G 9  1_555 -0.069 -1.452 3.124 -1.359  1.108  42.206  -2.123  -0.036  3.088  1.538   
1.886   42.240  5  SS_G5C6:G9U10_LL  S 5 ? L 10 ? S 6 ? L 9  ? 
1 A C 6 1_555 B G 9  1_555 A G 7 1_555 B A 8  1_555 -0.830 -0.390 3.594 0.964   2.341  56.954  -0.550  0.927   3.563  2.453   
-1.010  57.005  6  SS_C6G7:A8G9_LL   S 6 ? L 9  ? S 7 ? L 8  ? 
1 A G 7 1_555 B A 8  1_555 A A 8 1_555 B U 7  1_555 -5.680 -0.199 3.289 -10.705 3.968  -13.066 -0.342  -21.549 -0.964 -14.354 
-38.728 -17.335 7  SS_G7A8:U7A8_LL   S 7 ? L 8  ? S 8 ? L 7  ? 
1 B C 1 1_555 B C 6  2_556 B G 2 1_555 B C 5  2_556 -0.376 -1.189 3.021 4.414   3.966  30.322  -2.920  1.471   2.766  7.492   
-8.337  30.884  8  LL_C1G2:C5C6_LL   L 1 ? L 6  ? L 2 ? L 5  ? 
1 B G 2 1_555 B C 5  2_556 B A 3 1_555 B U 4  2_556 0.020  -1.552 2.985 -1.179  4.774  35.059  -3.172  -0.185  2.754  7.877   
1.945   35.391  9  LL_G2A3:U4C5_LL   L 2 ? L 5  ? L 3 ? L 4  ? 
1 B A 3 1_555 B U 4  2_556 B U 4 1_555 B A 3  2_556 0.000  -1.305 3.211 0.000   3.084  36.659  -2.473  0.000   3.095  4.892   
0.000   36.784  10 LL_A3U4:A3U4_LL   L 3 ? L 4  ? L 4 ? L 3  ? 
1 B U 4 1_555 B A 3  2_556 B C 5 1_555 B G 2  2_556 -0.020 -1.552 2.985 1.179   4.774  35.059  -3.172  0.185   2.754  7.877   
-1.945  35.391  11 LL_U4C5:G2A3_LL   L 4 ? L 3  ? L 5 ? L 2  ? 
1 B C 5 1_555 B G 2  2_556 B C 6 1_555 B C 1  2_556 0.376  -1.189 3.021 -4.414  3.966  30.322  -2.920  -1.471  2.766  7.492   
8.337   30.884  12 LL_C5C6:C1G2_LL   L 5 ? L 2  ? L 6 ? L 1  ? 
# 
_pdbx_initial_refinement_model.id               1 
_pdbx_initial_refinement_model.entity_id_list   ? 
_pdbx_initial_refinement_model.type             'experimental model' 
_pdbx_initial_refinement_model.source_name      PDB 
_pdbx_initial_refinement_model.accession_code   6MER 
_pdbx_initial_refinement_model.details          '6mer A-form RNA helix' 
# 
_atom_sites.entry_id                    1MHK 
_atom_sites.fract_transf_matrix[1][1]   -0.02294939 
_atom_sites.fract_transf_matrix[1][2]   -0.02058989 
_atom_sites.fract_transf_matrix[1][3]   0.01319838 
_atom_sites.fract_transf_matrix[2][1]   0.01094350 
_atom_sites.fract_transf_matrix[2][2]   -0.01163502 
_atom_sites.fract_transf_matrix[2][3]   0.00087760 
_atom_sites.fract_transf_matrix[3][1]   0.00288801 
_atom_sites.fract_transf_matrix[3][2]   0.00416514 
_atom_sites.fract_transf_matrix[3][3]   0.01920753 
_atom_sites.fract_transf_vector[1]      0.146841 
_atom_sites.fract_transf_vector[2]      -0.033060 
_atom_sites.fract_transf_vector[3]      0.211304 
# 
loop_
_atom_type.symbol 
BR 
C  
N  
O  
P  
# 
loop_
_atom_site.group_PDB 
_atom_site.id 
_atom_site.type_symbol 
_atom_site.label_atom_id 
_atom_site.label_alt_id 
_atom_site.label_comp_id 
_atom_site.label_asym_id 
_atom_site.label_entity_id 
_atom_site.label_seq_id 
_atom_site.pdbx_PDB_ins_code 
_atom_site.Cartn_x 
_atom_site.Cartn_y 
_atom_site.Cartn_z 
_atom_site.occupancy 
_atom_site.B_iso_or_equiv 
_atom_site.pdbx_formal_charge 
_atom_site.auth_seq_id 
_atom_site.auth_comp_id 
_atom_site.auth_asym_id 
_atom_site.auth_atom_id 
_atom_site.pdbx_PDB_model_num 
ATOM   1   O  "O5'" . C   A 1 1  ? -6.596  -15.778 0.595   1.00 43.57 ? 1  C   S "O5'" 1 
ATOM   2   C  "C5'" . C   A 1 1  ? -6.371  -17.178 0.750   1.00 41.74 ? 1  C   S "C5'" 1 
ATOM   3   C  "C4'" . C   A 1 1  ? -5.309  -17.678 -0.198  1.00 41.97 ? 1  C   S "C4'" 1 
ATOM   4   O  "O4'" . C   A 1 1  ? -5.830  -17.756 -1.556  1.00 41.64 ? 1  C   S "O4'" 1 
ATOM   5   C  "C3'" . C   A 1 1  ? -4.083  -16.795 -0.337  1.00 40.51 ? 1  C   S "C3'" 1 
ATOM   6   O  "O3'" . C   A 1 1  ? -3.170  -17.035 0.717   1.00 40.52 ? 1  C   S "O3'" 1 
ATOM   7   C  "C2'" . C   A 1 1  ? -3.513  -17.290 -1.651  1.00 40.87 ? 1  C   S "C2'" 1 
ATOM   8   O  "O2'" . C   A 1 1  ? -2.890  -18.538 -1.469  1.00 40.72 ? 1  C   S "O2'" 1 
ATOM   9   C  "C1'" . C   A 1 1  ? -4.784  -17.488 -2.476  1.00 40.75 ? 1  C   S "C1'" 1 
ATOM   10  N  N1    . C   A 1 1  ? -5.143  -16.292 -3.254  1.00 42.35 ? 1  C   S N1    1 
ATOM   11  C  C2    . C   A 1 1  ? -4.404  -15.980 -4.417  1.00 41.65 ? 1  C   S C2    1 
ATOM   12  O  O2    . C   A 1 1  ? -3.434  -16.681 -4.723  1.00 40.60 ? 1  C   S O2    1 
ATOM   13  N  N3    . C   A 1 1  ? -4.762  -14.904 -5.161  1.00 41.17 ? 1  C   S N3    1 
ATOM   14  C  C4    . C   A 1 1  ? -5.785  -14.136 -4.773  1.00 41.61 ? 1  C   S C4    1 
ATOM   15  N  N4    . C   A 1 1  ? -6.104  -13.089 -5.534  1.00 39.02 ? 1  C   S N4    1 
ATOM   16  C  C5    . C   A 1 1  ? -6.531  -14.410 -3.582  1.00 41.77 ? 1  C   S C5    1 
ATOM   17  C  C6    . C   A 1 1  ? -6.183  -15.492 -2.864  1.00 42.88 ? 1  C   S C6    1 
ATOM   18  P  P     . C   A 1 2  ? -2.179  -15.863 1.193   1.00 42.48 ? 2  C   S P     1 
ATOM   19  O  OP1   . C   A 1 2  ? -1.563  -16.285 2.473   1.00 41.56 ? 2  C   S OP1   1 
ATOM   20  O  OP2   . C   A 1 2  ? -2.925  -14.574 1.130   1.00 41.73 ? 2  C   S OP2   1 
ATOM   21  O  "O5'" . C   A 1 2  ? -1.039  -15.859 0.076   1.00 43.11 ? 2  C   S "O5'" 1 
ATOM   22  C  "C5'" . C   A 1 2  ? -0.202  -16.991 -0.139  1.00 41.06 ? 2  C   S "C5'" 1 
ATOM   23  C  "C4'" . C   A 1 2  ? 0.601   -16.816 -1.410  1.00 41.54 ? 2  C   S "C4'" 1 
ATOM   24  O  "O4'" . C   A 1 2  ? -0.315  -16.648 -2.523  1.00 42.96 ? 2  C   S "O4'" 1 
ATOM   25  C  "C3'" . C   A 1 2  ? 1.461   -15.565 -1.511  1.00 41.55 ? 2  C   S "C3'" 1 
ATOM   26  O  "O3'" . C   A 1 2  ? 2.698   -15.699 -0.859  1.00 40.14 ? 2  C   S "O3'" 1 
ATOM   27  C  "C2'" . C   A 1 2  ? 1.667   -15.439 -3.009  1.00 40.77 ? 2  C   S "C2'" 1 
ATOM   28  O  "O2'" . C   A 1 2  ? 2.620   -16.349 -3.501  1.00 37.52 ? 2  C   S "O2'" 1 
ATOM   29  C  "C1'" . C   A 1 2  ? 0.286   -15.827 -3.516  1.00 41.06 ? 2  C   S "C1'" 1 
ATOM   30  N  N1    . C   A 1 2  ? -0.572  -14.662 -3.745  1.00 41.79 ? 2  C   S N1    1 
ATOM   31  C  C2    . C   A 1 2  ? -0.327  -13.860 -4.875  1.00 42.27 ? 2  C   S C2    1 
ATOM   32  O  O2    . C   A 1 2  ? 0.644   -14.130 -5.603  1.00 41.95 ? 2  C   S O2    1 
ATOM   33  N  N3    . C   A 1 2  ? -1.156  -12.819 -5.140  1.00 40.54 ? 2  C   S N3    1 
ATOM   34  C  C4    . C   A 1 2  ? -2.190  -12.572 -4.329  1.00 39.31 ? 2  C   S C4    1 
ATOM   35  N  N4    . C   A 1 2  ? -3.005  -11.583 -4.652  1.00 39.69 ? 2  C   S N4    1 
ATOM   36  C  C5    . C   A 1 2  ? -2.437  -13.344 -3.153  1.00 39.21 ? 2  C   S C5    1 
ATOM   37  C  C6    . C   A 1 2  ? -1.608  -14.370 -2.901  1.00 40.79 ? 2  C   S C6    1 
ATOM   38  P  P     . A   A 1 3  ? 3.258   -14.468 -0.006  1.00 44.95 ? 3  A   S P     1 
ATOM   39  O  OP1   . A   A 1 3  ? 4.175   -15.040 1.024   1.00 41.71 ? 3  A   S OP1   1 
ATOM   40  O  OP2   . A   A 1 3  ? 2.106   -13.625 0.404   1.00 44.40 ? 3  A   S OP2   1 
ATOM   41  O  "O5'" . A   A 1 3  ? 4.100   -13.625 -1.054  1.00 45.01 ? 3  A   S "O5'" 1 
ATOM   42  C  "C5'" . A   A 1 3  ? 5.117   -14.248 -1.819  1.00 42.55 ? 3  A   S "C5'" 1 
ATOM   43  C  "C4'" . A   A 1 3  ? 5.434   -13.409 -3.012  1.00 40.24 ? 3  A   S "C4'" 1 
ATOM   44  O  "O4'" . A   A 1 3  ? 4.262   -13.336 -3.857  1.00 40.15 ? 3  A   S "O4'" 1 
ATOM   45  C  "C3'" . A   A 1 3  ? 5.737   -11.953 -2.716  1.00 40.73 ? 3  A   S "C3'" 1 
ATOM   46  O  "O3'" . A   A 1 3  ? 7.078   -11.830 -2.273  1.00 41.28 ? 3  A   S "O3'" 1 
ATOM   47  C  "C2'" . A   A 1 3  ? 5.499   -11.332 -4.089  1.00 41.28 ? 3  A   S "C2'" 1 
ATOM   48  O  "O2'" . A   A 1 3  ? 6.517   -11.640 -5.025  1.00 40.55 ? 3  A   S "O2'" 1 
ATOM   49  C  "C1'" . A   A 1 3  ? 4.238   -12.081 -4.529  1.00 40.54 ? 3  A   S "C1'" 1 
ATOM   50  N  N9    . A   A 1 3  ? 2.975   -11.401 -4.207  1.00 39.42 ? 3  A   S N9    1 
ATOM   51  C  C8    . A   A 1 3  ? 2.115   -11.692 -3.177  1.00 38.15 ? 3  A   S C8    1 
ATOM   52  N  N7    . A   A 1 3  ? 1.043   -10.940 -3.152  1.00 37.80 ? 3  A   S N7    1 
ATOM   53  C  C5    . A   A 1 3  ? 1.203   -10.091 -4.235  1.00 37.47 ? 3  A   S C5    1 
ATOM   54  C  C6    . A   A 1 3  ? 0.396   -9.060  -4.757  1.00 37.21 ? 3  A   S C6    1 
ATOM   55  N  N6    . A   A 1 3  ? -0.784  -8.713  -4.236  1.00 35.31 ? 3  A   S N6    1 
ATOM   56  N  N1    . A   A 1 3  ? 0.846   -8.399  -5.850  1.00 36.30 ? 3  A   S N1    1 
ATOM   57  C  C2    . A   A 1 3  ? 2.023   -8.771  -6.378  1.00 34.68 ? 3  A   S C2    1 
ATOM   58  N  N3    . A   A 1 3  ? 2.867   -9.727  -5.981  1.00 34.30 ? 3  A   S N3    1 
ATOM   59  C  C4    . A   A 1 3  ? 2.395   -10.355 -4.892  1.00 37.52 ? 3  A   S C4    1 
ATOM   60  P  P     . U   A 1 4  ? 7.445   -10.812 -1.087  1.00 45.68 ? 4  U   S P     1 
ATOM   61  O  OP1   . U   A 1 4  ? 8.862   -11.128 -0.739  1.00 43.90 ? 4  U   S OP1   1 
ATOM   62  O  OP2   . U   A 1 4  ? 6.411   -10.822 -0.020  1.00 45.84 ? 4  U   S OP2   1 
ATOM   63  O  "O5'" . U   A 1 4  ? 7.408   -9.388  -1.801  1.00 45.38 ? 4  U   S "O5'" 1 
ATOM   64  C  "C5'" . U   A 1 4  ? 8.227   -9.140  -2.941  1.00 45.89 ? 4  U   S "C5'" 1 
ATOM   65  C  "C4'" . U   A 1 4  ? 7.730   -7.937  -3.689  1.00 46.11 ? 4  U   S "C4'" 1 
ATOM   66  O  "O4'" . U   A 1 4  ? 6.439   -8.215  -4.287  1.00 47.81 ? 4  U   S "O4'" 1 
ATOM   67  C  "C3'" . U   A 1 4  ? 7.464   -6.718  -2.829  1.00 47.26 ? 4  U   S "C3'" 1 
ATOM   68  O  "O3'" . U   A 1 4  ? 8.679   -6.057  -2.513  1.00 46.65 ? 4  U   S "O3'" 1 
ATOM   69  C  "C2'" . U   A 1 4  ? 6.520   -5.908  -3.712  1.00 46.68 ? 4  U   S "C2'" 1 
ATOM   70  O  "O2'" . U   A 1 4  ? 7.178   -5.193  -4.736  1.00 45.85 ? 4  U   S "O2'" 1 
ATOM   71  C  "C1'" . U   A 1 4  ? 5.675   -7.018  -4.340  1.00 47.99 ? 4  U   S "C1'" 1 
ATOM   72  N  N1    . U   A 1 4  ? 4.398   -7.230  -3.640  1.00 49.57 ? 4  U   S N1    1 
ATOM   73  C  C2    . U   A 1 4  ? 3.327   -6.437  -4.030  1.00 48.42 ? 4  U   S C2    1 
ATOM   74  O  O2    . U   A 1 4  ? 3.408   -5.612  -4.917  1.00 42.55 ? 4  U   S O2    1 
ATOM   75  N  N3    . U   A 1 4  ? 2.159   -6.653  -3.339  1.00 48.30 ? 4  U   S N3    1 
ATOM   76  C  C4    . U   A 1 4  ? 1.956   -7.558  -2.323  1.00 51.02 ? 4  U   S C4    1 
ATOM   77  O  O4    . U   A 1 4  ? 0.848   -7.648  -1.812  1.00 46.07 ? 4  U   S O4    1 
ATOM   78  C  C5    . U   A 1 4  ? 3.100   -8.345  -1.977  1.00 53.76 ? 4  U   S C5    1 
ATOM   79  C  C6    . U   A 1 4  ? 4.258   -8.163  -2.633  1.00 51.08 ? 4  U   S C6    1 
ATOM   80  P  P     . G   A 1 5  ? 8.662   -4.802  -1.519  1.00 48.32 ? 5  G   S P     1 
ATOM   81  O  OP1   . G   A 1 5  ? 10.028  -4.217  -1.576  1.00 47.14 ? 5  G   S OP1   1 
ATOM   82  O  OP2   . G   A 1 5  ? 8.070   -5.158  -0.203  1.00 51.58 ? 5  G   S OP2   1 
ATOM   83  O  "O5'" . G   A 1 5  ? 7.649   -3.803  -2.224  1.00 46.91 ? 5  G   S "O5'" 1 
ATOM   84  C  "C5'" . G   A 1 5  ? 7.373   -2.545  -1.661  1.00 42.80 ? 5  G   S "C5'" 1 
ATOM   85  C  "C4'" . G   A 1 5  ? 6.877   -1.609  -2.720  1.00 40.64 ? 5  G   S "C4'" 1 
ATOM   86  O  "O4'" . G   A 1 5  ? 5.905   -2.286  -3.560  1.00 42.09 ? 5  G   S "O4'" 1 
ATOM   87  C  "C3'" . G   A 1 5  ? 6.116   -0.449  -2.129  1.00 40.27 ? 5  G   S "C3'" 1 
ATOM   88  O  "O3'" . G   A 1 5  ? 7.018   0.553   -1.731  1.00 38.77 ? 5  G   S "O3'" 1 
ATOM   89  C  "C2'" . G   A 1 5  ? 5.196   -0.052  -3.267  1.00 41.09 ? 5  G   S "C2'" 1 
ATOM   90  O  "O2'" . G   A 1 5  ? 5.860   0.709   -4.256  1.00 41.81 ? 5  G   S "O2'" 1 
ATOM   91  C  "C1'" . G   A 1 5  ? 4.799   -1.432  -3.799  1.00 40.01 ? 5  G   S "C1'" 1 
ATOM   92  N  N9    . G   A 1 5  ? 3.661   -2.009  -3.093  1.00 39.58 ? 5  G   S N9    1 
ATOM   93  C  C8    . G   A 1 5  ? 3.660   -3.162  -2.352  1.00 38.96 ? 5  G   S C8    1 
ATOM   94  N  N7    . G   A 1 5  ? 2.490   -3.447  -1.843  1.00 38.42 ? 5  G   S N7    1 
ATOM   95  C  C5    . G   A 1 5  ? 1.667   -2.415  -2.273  1.00 39.31 ? 5  G   S C5    1 
ATOM   96  C  C6    . G   A 1 5  ? 0.288   -2.184  -2.047  1.00 38.23 ? 5  G   S C6    1 
ATOM   97  O  O6    . G   A 1 5  ? -0.506  -2.859  -1.398  1.00 38.03 ? 5  G   S O6    1 
ATOM   98  N  N1    . G   A 1 5  ? -0.143  -1.024  -2.668  1.00 38.20 ? 5  G   S N1    1 
ATOM   99  C  C2    . G   A 1 5  ? 0.647   -0.183  -3.398  1.00 39.40 ? 5  G   S C2    1 
ATOM   100 N  N2    . G   A 1 5  ? 0.044   0.903   -3.897  1.00 42.81 ? 5  G   S N2    1 
ATOM   101 N  N3    . G   A 1 5  ? 1.933   -0.382  -3.621  1.00 39.41 ? 5  G   S N3    1 
ATOM   102 C  C4    . G   A 1 5  ? 2.374   -1.512  -3.038  1.00 40.18 ? 5  G   S C4    1 
ATOM   103 P  P     . C   A 1 6  ? 6.883   1.180   -0.271  1.00 38.42 ? 6  C   S P     1 
ATOM   104 O  OP1   . C   A 1 6  ? 8.038   2.074   -0.048  1.00 38.72 ? 6  C   S OP1   1 
ATOM   105 O  OP2   . C   A 1 6  ? 6.612   0.079   0.681   1.00 37.47 ? 6  C   S OP2   1 
ATOM   106 O  "O5'" . C   A 1 6  ? 5.577   2.076   -0.401  1.00 40.95 ? 6  C   S "O5'" 1 
ATOM   107 C  "C5'" . C   A 1 6  ? 5.453   3.021   -1.456  1.00 40.24 ? 6  C   S "C5'" 1 
ATOM   108 C  "C4'" . C   A 1 6  ? 4.033   3.514   -1.552  1.00 43.40 ? 6  C   S "C4'" 1 
ATOM   109 O  "O4'" . C   A 1 6  ? 3.153   2.441   -1.985  1.00 43.13 ? 6  C   S "O4'" 1 
ATOM   110 C  "C3'" . C   A 1 6  ? 3.398   4.001   -0.258  1.00 43.13 ? 6  C   S "C3'" 1 
ATOM   111 O  "O3'" . C   A 1 6  ? 3.806   5.333   0.015   1.00 45.67 ? 6  C   S "O3'" 1 
ATOM   112 C  "C2'" . C   A 1 6  ? 1.923   3.939   -0.623  1.00 43.07 ? 6  C   S "C2'" 1 
ATOM   113 O  "O2'" . C   A 1 6  ? 1.563   4.993   -1.492  1.00 41.39 ? 6  C   S "O2'" 1 
ATOM   114 C  "C1'" . C   A 1 6  ? 1.868   2.628   -1.410  1.00 42.15 ? 6  C   S "C1'" 1 
ATOM   115 N  N1    . C   A 1 6  ? 1.571   1.463   -0.566  1.00 41.93 ? 6  C   S N1    1 
ATOM   116 C  C2    . C   A 1 6  ? 0.250   1.222   -0.199  1.00 40.82 ? 6  C   S C2    1 
ATOM   117 O  O2    . C   A 1 6  ? -0.624  2.012   -0.578  1.00 43.09 ? 6  C   S O2    1 
ATOM   118 N  N3    . C   A 1 6  ? -0.043  0.138   0.554   1.00 39.54 ? 6  C   S N3    1 
ATOM   119 C  C4    . C   A 1 6  ? 0.934   -0.686  0.940   1.00 39.87 ? 6  C   S C4    1 
ATOM   120 N  N4    . C   A 1 6  ? 0.603   -1.747  1.676   1.00 37.84 ? 6  C   S N4    1 
ATOM   121 C  C5    . C   A 1 6  ? 2.296   -0.459  0.589   1.00 40.15 ? 6  C   S C5    1 
ATOM   122 C  C6    . C   A 1 6  ? 2.567   0.620   -0.155  1.00 41.48 ? 6  C   S C6    1 
ATOM   123 P  P     . G   A 1 7  ? 4.098   5.788   1.532   1.00 48.42 ? 7  G   S P     1 
ATOM   124 O  OP1   . G   A 1 7  ? 4.510   7.214   1.447   1.00 47.81 ? 7  G   S OP1   1 
ATOM   125 O  OP2   . G   A 1 7  ? 5.013   4.803   2.171   1.00 47.13 ? 7  G   S OP2   1 
ATOM   126 O  "O5'" . G   A 1 7  ? 2.671   5.688   2.244   1.00 48.74 ? 7  G   S "O5'" 1 
ATOM   127 C  "C5'" . G   A 1 7  ? 1.521   6.340   1.704   1.00 49.04 ? 7  G   S "C5'" 1 
ATOM   128 C  "C4'" . G   A 1 7  ? 0.261   5.791   2.337   1.00 52.39 ? 7  G   S "C4'" 1 
ATOM   129 O  "O4'" . G   A 1 7  ? 0.017   4.433   1.870   1.00 51.91 ? 7  G   S "O4'" 1 
ATOM   130 C  "C3'" . G   A 1 7  ? 0.283   5.675   3.858   1.00 54.30 ? 7  G   S "C3'" 1 
ATOM   131 O  "O3'" . G   A 1 7  ? -0.066  6.906   4.481   1.00 57.99 ? 7  G   S "O3'" 1 
ATOM   132 C  "C2'" . G   A 1 7  ? -0.770  4.603   4.109   1.00 53.01 ? 7  G   S "C2'" 1 
ATOM   133 O  "O2'" . G   A 1 7  ? -2.086  5.110   4.049   1.00 52.38 ? 7  G   S "O2'" 1 
ATOM   134 C  "C1'" . G   A 1 7  ? -0.520  3.652   2.933   1.00 51.91 ? 7  G   S "C1'" 1 
ATOM   135 N  N9    . G   A 1 7  ? 0.451   2.621   3.280   1.00 49.61 ? 7  G   S N9    1 
ATOM   136 C  C8    . G   A 1 7  ? 1.815   2.692   3.115   1.00 49.83 ? 7  G   S C8    1 
ATOM   137 N  N7    . G   A 1 7  ? 2.441   1.633   3.552   1.00 48.88 ? 7  G   S N7    1 
ATOM   138 C  C5    . G   A 1 7  ? 1.431   0.809   4.030   1.00 48.44 ? 7  G   S C5    1 
ATOM   139 C  C6    . G   A 1 7  ? 1.506   -0.465  4.642   1.00 47.98 ? 7  G   S C6    1 
ATOM   140 O  O6    . G   A 1 7  ? 2.508   -1.128  4.906   1.00 50.07 ? 7  G   S O6    1 
ATOM   141 N  N1    . G   A 1 7  ? 0.247   -0.952  4.968   1.00 46.99 ? 7  G   S N1    1 
ATOM   142 C  C2    . G   A 1 7  ? -0.935  -0.294  4.749   1.00 47.38 ? 7  G   S C2    1 
ATOM   143 N  N2    . G   A 1 7  ? -2.047  -0.944  5.128   1.00 45.85 ? 7  G   S N2    1 
ATOM   144 N  N3    . G   A 1 7  ? -1.020  0.911   4.194   1.00 47.44 ? 7  G   S N3    1 
ATOM   145 C  C4    . G   A 1 7  ? 0.195   1.397   3.858   1.00 48.18 ? 7  G   S C4    1 
ATOM   146 P  P     . A   A 1 8  ? 0.494   7.253   5.958   1.00 61.97 ? 8  A   S P     1 
ATOM   147 O  OP1   . A   A 1 8  ? 1.305   8.496   5.840   1.00 60.30 ? 8  A   S OP1   1 
ATOM   148 O  OP2   . A   A 1 8  ? 1.101   6.037   6.575   1.00 59.67 ? 8  A   S OP2   1 
ATOM   149 O  "O5'" . A   A 1 8  ? -0.832  7.623   6.765   1.00 63.95 ? 8  A   S "O5'" 1 
ATOM   150 C  "C5'" . A   A 1 8  ? -1.469  8.894   6.600   1.00 67.91 ? 8  A   S "C5'" 1 
ATOM   151 C  "C4'" . A   A 1 8  ? -2.515  8.818   5.511   1.00 70.87 ? 8  A   S "C4'" 1 
ATOM   152 O  "O4'" . A   A 1 8  ? -2.966  7.453   5.385   1.00 72.44 ? 8  A   S "O4'" 1 
ATOM   153 C  "C3'" . A   A 1 8  ? -3.752  9.674   5.739   1.00 72.76 ? 8  A   S "C3'" 1 
ATOM   154 O  "O3'" . A   A 1 8  ? -3.554  11.017  5.248   1.00 74.56 ? 8  A   S "O3'" 1 
ATOM   155 C  "C2'" . A   A 1 8  ? -4.902  8.856   5.148   1.00 73.03 ? 8  A   S "C2'" 1 
ATOM   156 O  "O2'" . A   A 1 8  ? -5.202  9.159   3.806   1.00 73.99 ? 8  A   S "O2'" 1 
ATOM   157 C  "C1'" . A   A 1 8  ? -4.366  7.420   5.234   1.00 73.17 ? 8  A   S "C1'" 1 
ATOM   158 N  N9    . A   A 1 8  ? -4.896  6.504   6.246   1.00 73.97 ? 8  A   S N9    1 
ATOM   159 C  C8    . A   A 1 8  ? -4.182  5.473   6.812   1.00 74.19 ? 8  A   S C8    1 
ATOM   160 N  N7    . A   A 1 8  ? -4.874  4.736   7.644   1.00 73.90 ? 8  A   S N7    1 
ATOM   161 C  C5    . A   A 1 8  ? -6.128  5.327   7.645   1.00 74.59 ? 8  A   S C5    1 
ATOM   162 C  C6    . A   A 1 8  ? -7.316  5.004   8.319   1.00 73.78 ? 8  A   S C6    1 
ATOM   163 N  N6    . A   A 1 8  ? -7.431  3.960   9.144   1.00 73.41 ? 8  A   S N6    1 
ATOM   164 N  N1    . A   A 1 8  ? -8.394  5.793   8.108   1.00 73.72 ? 8  A   S N1    1 
ATOM   165 C  C2    . A   A 1 8  ? -8.273  6.835   7.267   1.00 74.89 ? 8  A   S C2    1 
ATOM   166 N  N3    . A   A 1 8  ? -7.207  7.240   6.566   1.00 75.37 ? 8  A   S N3    1 
ATOM   167 C  C4    . A   A 1 8  ? -6.154  6.432   6.800   1.00 75.28 ? 8  A   S C4    1 
ATOM   168 P  P     . A   A 1 9  ? -3.833  11.395  3.693   1.00 74.93 ? 9  A   S P     1 
ATOM   169 O  OP1   . A   A 1 9  ? -3.137  12.682  3.436   1.00 74.74 ? 9  A   S OP1   1 
ATOM   170 O  OP2   . A   A 1 9  ? -5.265  11.261  3.330   1.00 74.99 ? 9  A   S OP2   1 
ATOM   171 O  "O5'" . A   A 1 9  ? -3.031  10.299  2.873   1.00 75.02 ? 9  A   S "O5'" 1 
ATOM   172 C  "C5'" . A   A 1 9  ? -3.307  10.097  1.504   1.00 71.97 ? 9  A   S "C5'" 1 
ATOM   173 C  "C4'" . A   A 1 9  ? -2.720  8.792   1.045   1.00 69.92 ? 9  A   S "C4'" 1 
ATOM   174 O  "O4'" . A   A 1 9  ? -3.031  7.736   1.991   1.00 68.48 ? 9  A   S "O4'" 1 
ATOM   175 C  "C3'" . A   A 1 9  ? -3.310  8.336   -0.271  1.00 69.01 ? 9  A   S "C3'" 1 
ATOM   176 O  "O3'" . A   A 1 9  ? -2.579  8.939   -1.322  1.00 69.36 ? 9  A   S "O3'" 1 
ATOM   177 C  "C2'" . A   A 1 9  ? -3.150  6.826   -0.195  1.00 68.22 ? 9  A   S "C2'" 1 
ATOM   178 O  "O2'" . A   A 1 9  ? -1.841  6.407   -0.513  1.00 67.64 ? 9  A   S "O2'" 1 
ATOM   179 C  "C1'" . A   A 1 9  ? -3.441  6.575   1.289   1.00 67.68 ? 9  A   S "C1'" 1 
ATOM   180 N  N9    . A   A 1 9  ? -4.861  6.374   1.571   1.00 65.45 ? 9  A   S N9    1 
ATOM   181 C  C8    . A   A 1 9  ? -5.684  7.228   2.250   1.00 64.05 ? 9  A   S C8    1 
ATOM   182 N  N7    . A   A 1 9  ? -6.917  6.807   2.361   1.00 64.44 ? 9  A   S N7    1 
ATOM   183 C  C5    . A   A 1 9  ? -6.910  5.588   1.704   1.00 64.94 ? 9  A   S C5    1 
ATOM   184 C  C6    . A   A 1 9  ? -7.919  4.642   1.460   1.00 64.78 ? 9  A   S C6    1 
ATOM   185 N  N6    . A   A 1 9  ? -9.181  4.788   1.861   1.00 63.81 ? 9  A   S N6    1 
ATOM   186 N  N1    . A   A 1 9  ? -7.584  3.529   0.775   1.00 64.75 ? 9  A   S N1    1 
ATOM   187 C  C2    . A   A 1 9  ? -6.316  3.391   0.362   1.00 65.30 ? 9  A   S C2    1 
ATOM   188 N  N3    . A   A 1 9  ? -5.279  4.212   0.525   1.00 65.06 ? 9  A   S N3    1 
ATOM   189 C  C4    . A   A 1 9  ? -5.647  5.305   1.215   1.00 65.34 ? 9  A   S C4    1 
ATOM   190 P  P     . C   A 1 10 ? -3.357  9.772   -2.446  1.00 69.40 ? 10 C   S P     1 
ATOM   191 O  OP1   . C   A 1 10 ? -2.324  10.495  -3.231  1.00 70.19 ? 10 C   S OP1   1 
ATOM   192 O  OP2   . C   A 1 10 ? -4.449  10.538  -1.796  1.00 70.69 ? 10 C   S OP2   1 
ATOM   193 O  "O5'" . C   A 1 10 ? -3.979  8.627   -3.356  1.00 66.86 ? 10 C   S "O5'" 1 
ATOM   194 C  "C5'" . C   A 1 10 ? -3.130  7.642   -3.925  1.00 65.88 ? 10 C   S "C5'" 1 
ATOM   195 C  "C4'" . C   A 1 10 ? -3.916  6.411   -4.270  1.00 65.03 ? 10 C   S "C4'" 1 
ATOM   196 O  "O4'" . C   A 1 10 ? -4.454  5.820   -3.064  1.00 64.37 ? 10 C   S "O4'" 1 
ATOM   197 C  "C3'" . C   A 1 10 ? -5.138  6.661   -5.130  1.00 65.81 ? 10 C   S "C3'" 1 
ATOM   198 O  "O3'" . C   A 1 10 ? -4.763  6.761   -6.500  1.00 67.46 ? 10 C   S "O3'" 1 
ATOM   199 C  "C2'" . C   A 1 10 ? -5.984  5.427   -4.845  1.00 64.64 ? 10 C   S "C2'" 1 
ATOM   200 O  "O2'" . C   A 1 10 ? -5.591  4.309   -5.605  1.00 61.21 ? 10 C   S "O2'" 1 
ATOM   201 C  "C1'" . C   A 1 10 ? -5.693  5.194   -3.358  1.00 65.18 ? 10 C   S "C1'" 1 
ATOM   202 N  N1    . C   A 1 10 ? -6.723  5.794   -2.498  1.00 65.96 ? 10 C   S N1    1 
ATOM   203 C  C2    . C   A 1 10 ? -7.909  5.090   -2.276  1.00 65.10 ? 10 C   S C2    1 
ATOM   204 O  O2    . C   A 1 10 ? -8.038  3.961   -2.779  1.00 63.64 ? 10 C   S O2    1 
ATOM   205 N  N3    . C   A 1 10 ? -8.883  5.656   -1.521  1.00 65.50 ? 10 C   S N3    1 
ATOM   206 C  C4    . C   A 1 10 ? -8.699  6.872   -0.998  1.00 65.36 ? 10 C   S C4    1 
ATOM   207 N  N4    . C   A 1 10 ? -9.691  7.406   -0.284  1.00 65.25 ? 10 C   S N4    1 
ATOM   208 C  C5    . C   A 1 10 ? -7.490  7.600   -1.191  1.00 66.01 ? 10 C   S C5    1 
ATOM   209 C  C6    . C   A 1 10 ? -6.536  7.029   -1.939  1.00 66.14 ? 10 C   S C6    1 
ATOM   210 P  P     . C   A 1 11 ? -5.534  7.791   -7.457  1.00 67.05 ? 11 C   S P     1 
ATOM   211 O  OP1   . C   A 1 11 ? -4.944  7.677   -8.818  1.00 68.42 ? 11 C   S OP1   1 
ATOM   212 O  OP2   . C   A 1 11 ? -5.580  9.115   -6.777  1.00 66.23 ? 11 C   S OP2   1 
ATOM   213 O  "O5'" . C   A 1 11 ? -7.001  7.185   -7.528  1.00 65.57 ? 11 C   S "O5'" 1 
ATOM   214 C  "C5'" . C   A 1 11 ? -7.241  5.973   -8.220  1.00 63.08 ? 11 C   S "C5'" 1 
ATOM   215 C  "C4'" . C   A 1 11 ? -8.714  5.694   -8.270  1.00 62.93 ? 11 C   S "C4'" 1 
ATOM   216 O  "O4'" . C   A 1 11 ? -9.180  5.222   -6.970  1.00 62.17 ? 11 C   S "O4'" 1 
ATOM   217 C  "C3'" . C   A 1 11 ? -9.603  6.898   -8.532  1.00 63.52 ? 11 C   S "C3'" 1 
ATOM   218 O  "O3'" . C   A 1 11 ? -9.475  7.458   -9.846  1.00 64.99 ? 11 C   S "O3'" 1 
ATOM   219 C  "C2'" . C   A 1 11 ? -10.944 6.391   -8.017  1.00 60.76 ? 11 C   S "C2'" 1 
ATOM   220 O  "O2'" . C   A 1 11 ? -11.552 5.407   -8.827  1.00 57.36 ? 11 C   S "O2'" 1 
ATOM   221 C  "C1'" . C   A 1 11 ? -10.486 5.738   -6.712  1.00 61.02 ? 11 C   S "C1'" 1 
ATOM   222 N  N1    . C   A 1 11 ? -10.376 6.748   -5.640  1.00 60.34 ? 11 C   S N1    1 
ATOM   223 C  C2    . C   A 1 11 ? -11.543 7.184   -4.999  1.00 59.14 ? 11 C   S C2    1 
ATOM   224 O  O2    . C   A 1 11 ? -12.622 6.663   -5.303  1.00 59.54 ? 11 C   S O2    1 
ATOM   225 N  N3    . C   A 1 11 ? -11.462 8.159   -4.064  1.00 58.43 ? 11 C   S N3    1 
ATOM   226 C  C4    . C   A 1 11 ? -10.274 8.689   -3.752  1.00 58.13 ? 11 C   S C4    1 
ATOM   227 N  N4    . C   A 1 11 ? -10.245 9.671   -2.841  1.00 54.95 ? 11 C   S N4    1 
ATOM   228 C  C5    . C   A 1 11 ? -9.064  8.242   -4.368  1.00 58.60 ? 11 C   S C5    1 
ATOM   229 C  C6    . C   A 1 11 ? -9.160  7.276   -5.294  1.00 59.08 ? 11 C   S C6    1 
ATOM   230 P  P     . G   A 1 12 ? -10.183 6.766   -11.108 1.00 68.36 ? 12 G   S P     1 
ATOM   231 O  OP1   . G   A 1 12 ? -10.002 5.284   -11.006 1.00 68.05 ? 12 G   S OP1   1 
ATOM   232 O  OP2   . G   A 1 12 ? -9.686  7.489   -12.317 1.00 69.64 ? 12 G   S OP2   1 
ATOM   233 O  "O5'" . G   A 1 12 ? -11.730 7.096   -10.944 1.00 66.40 ? 12 G   S "O5'" 1 
ATOM   234 C  "C5'" . G   A 1 12 ? -12.251 8.342   -11.373 1.00 63.02 ? 12 G   S "C5'" 1 
ATOM   235 C  "C4'" . G   A 1 12 ? -13.517 8.653   -10.625 1.00 60.92 ? 12 G   S "C4'" 1 
ATOM   236 O  "O4'" . G   A 1 12 ? -13.364 8.253   -9.235  1.00 57.88 ? 12 G   S "O4'" 1 
ATOM   237 C  "C3'" . G   A 1 12 ? -13.854 10.135  -10.602 1.00 59.92 ? 12 G   S "C3'" 1 
ATOM   238 O  "O3'" . G   A 1 12 ? -14.545 10.552  -11.787 1.00 59.11 ? 12 G   S "O3'" 1 
ATOM   239 C  "C2'" . G   A 1 12 ? -14.575 10.287  -9.270  1.00 58.51 ? 12 G   S "C2'" 1 
ATOM   240 O  "O2'" . G   A 1 12 ? -15.943 9.922   -9.345  1.00 57.54 ? 12 G   S "O2'" 1 
ATOM   241 C  "C1'" . G   A 1 12 ? -13.787 9.301   -8.392  1.00 57.31 ? 12 G   S "C1'" 1 
ATOM   242 N  N9    . G   A 1 12 ? -12.588 9.868   -7.784  1.00 55.85 ? 12 G   S N9    1 
ATOM   243 C  C8    . G   A 1 12 ? -11.294 9.713   -8.217  1.00 54.84 ? 12 G   S C8    1 
ATOM   244 N  N7    . G   A 1 12 ? -10.424 10.333  -7.469  1.00 54.60 ? 12 G   S N7    1 
ATOM   245 C  C5    . G   A 1 12 ? -11.189 10.942  -6.486  1.00 53.89 ? 12 G   S C5    1 
ATOM   246 C  C6    . G   A 1 12 ? -10.800 11.758  -5.398  1.00 53.81 ? 12 G   S C6    1 
ATOM   247 O  O6    . G   A 1 12 ? -9.661  12.122  -5.074  1.00 53.90 ? 12 G   S O6    1 
ATOM   248 N  N1    . G   A 1 12 ? -11.899 12.163  -4.645  1.00 53.95 ? 12 G   S N1    1 
ATOM   249 C  C2    . G   A 1 12 ? -13.208 11.822  -4.908  1.00 54.00 ? 12 G   S C2    1 
ATOM   250 N  N2    . G   A 1 12 ? -14.143 12.310  -4.071  1.00 53.26 ? 12 G   S N2    1 
ATOM   251 N  N3    . G   A 1 12 ? -13.578 11.058  -5.918  1.00 53.90 ? 12 G   S N3    1 
ATOM   252 C  C4    . G   A 1 12 ? -12.526 10.659  -6.662  1.00 54.83 ? 12 G   S C4    1 
ATOM   253 O  "O5'" . C   B 2 1  ? 7.852   19.750  13.136  1.00 94.58 ? 1  C   L "O5'" 1 
ATOM   254 C  "C5'" . C   B 2 1  ? 8.753   20.694  12.542  1.00 93.97 ? 1  C   L "C5'" 1 
ATOM   255 C  "C4'" . C   B 2 1  ? 10.024  20.060  12.021  1.00 93.75 ? 1  C   L "C4'" 1 
ATOM   256 O  "O4'" . C   B 2 1  ? 10.722  19.397  13.108  1.00 93.14 ? 1  C   L "O4'" 1 
ATOM   257 C  "C3'" . C   B 2 1  ? 9.827   18.970  10.980  1.00 93.89 ? 1  C   L "C3'" 1 
ATOM   258 O  "O3'" . C   B 2 1  ? 9.691   19.536  9.682   1.00 94.18 ? 1  C   L "O3'" 1 
ATOM   259 C  "C2'" . C   B 2 1  ? 11.103  18.144  11.115  1.00 93.64 ? 1  C   L "C2'" 1 
ATOM   260 O  "O2'" . C   B 2 1  ? 12.200  18.675  10.398  1.00 93.41 ? 1  C   L "O2'" 1 
ATOM   261 C  "C1'" . C   B 2 1  ? 11.368  18.232  12.621  1.00 92.61 ? 1  C   L "C1'" 1 
ATOM   262 N  N1    . C   B 2 1  ? 10.870  17.075  13.384  1.00 91.41 ? 1  C   L N1    1 
ATOM   263 C  C2    . C   B 2 1  ? 11.683  15.937  13.494  1.00 90.36 ? 1  C   L C2    1 
ATOM   264 O  O2    . C   B 2 1  ? 12.782  15.927  12.921  1.00 89.00 ? 1  C   L O2    1 
ATOM   265 N  N3    . C   B 2 1  ? 11.246  14.879  14.222  1.00 90.02 ? 1  C   L N3    1 
ATOM   266 C  C4    . C   B 2 1  ? 10.052  14.928  14.821  1.00 90.16 ? 1  C   L C4    1 
ATOM   267 N  N4    . C   B 2 1  ? 9.670   13.871  15.544  1.00 89.62 ? 1  C   L N4    1 
ATOM   268 C  C5    . C   B 2 1  ? 9.197   16.067  14.711  1.00 90.56 ? 1  C   L C5    1 
ATOM   269 C  C6    . C   B 2 1  ? 9.643   17.108  13.988  1.00 90.91 ? 1  C   L C6    1 
ATOM   270 P  P     . G   B 2 2  ? 8.960   18.700  8.522   1.00 94.31 ? 2  G   L P     1 
ATOM   271 O  OP1   . G   B 2 2  ? 8.404   19.679  7.551   1.00 94.99 ? 2  G   L OP1   1 
ATOM   272 O  OP2   . G   B 2 2  ? 8.063   17.687  9.139   1.00 94.04 ? 2  G   L OP2   1 
ATOM   273 O  "O5'" . G   B 2 2  ? 10.152  17.929  7.812   1.00 92.10 ? 2  G   L "O5'" 1 
ATOM   274 C  "C5'" . G   B 2 2  ? 9.976   16.605  7.346   1.00 89.76 ? 2  G   L "C5'" 1 
ATOM   275 C  "C4'" . G   B 2 2  ? 11.214  15.803  7.623   1.00 88.49 ? 2  G   L "C4'" 1 
ATOM   276 O  "O4'" . G   B 2 2  ? 11.477  15.802  9.051   1.00 88.42 ? 2  G   L "O4'" 1 
ATOM   277 C  "C3'" . G   B 2 2  ? 11.115  14.335  7.266   1.00 88.04 ? 2  G   L "C3'" 1 
ATOM   278 O  "O3'" . G   B 2 2  ? 11.379  14.152  5.884   1.00 88.00 ? 2  G   L "O3'" 1 
ATOM   279 C  "C2'" . G   B 2 2  ? 12.191  13.722  8.153   1.00 87.84 ? 2  G   L "C2'" 1 
ATOM   280 O  "O2'" . G   B 2 2  ? 13.495  13.903  7.636   1.00 87.43 ? 2  G   L "O2'" 1 
ATOM   281 C  "C1'" . G   B 2 2  ? 12.030  14.549  9.432   1.00 86.98 ? 2  G   L "C1'" 1 
ATOM   282 N  N9    . G   B 2 2  ? 11.148  13.942  10.427  1.00 84.25 ? 2  G   L N9    1 
ATOM   283 C  C8    . G   B 2 2  ? 9.895   14.373  10.795  1.00 82.88 ? 2  G   L C8    1 
ATOM   284 N  N7    . G   B 2 2  ? 9.355   13.642  11.732  1.00 81.63 ? 2  G   L N7    1 
ATOM   285 C  C5    . G   B 2 2  ? 10.305  12.666  12.000  1.00 81.08 ? 2  G   L C5    1 
ATOM   286 C  C6    . G   B 2 2  ? 10.285  11.602  12.930  1.00 79.93 ? 2  G   L C6    1 
ATOM   287 O  O6    . G   B 2 2  ? 9.402   11.307  13.736  1.00 79.79 ? 2  G   L O6    1 
ATOM   288 N  N1    . G   B 2 2  ? 11.448  10.842  12.866  1.00 79.65 ? 2  G   L N1    1 
ATOM   289 C  C2    . G   B 2 2  ? 12.503  11.083  12.018  1.00 80.47 ? 2  G   L C2    1 
ATOM   290 N  N2    . G   B 2 2  ? 13.534  10.229  12.099  1.00 80.13 ? 2  G   L N2    1 
ATOM   291 N  N3    . G   B 2 2  ? 12.541  12.083  11.152  1.00 81.14 ? 2  G   L N3    1 
ATOM   292 C  C4    . G   B 2 2  ? 11.415  12.830  11.196  1.00 82.37 ? 2  G   L C4    1 
ATOM   293 P  P     . A   B 2 3  ? 10.820  12.847  5.141   1.00 88.16 ? 3  A   L P     1 
ATOM   294 O  OP1   . A   B 2 3  ? 10.758  13.126  3.684   1.00 89.07 ? 3  A   L OP1   1 
ATOM   295 O  OP2   . A   B 2 3  ? 9.598   12.387  5.853   1.00 87.76 ? 3  A   L OP2   1 
ATOM   296 O  "O5'" . A   B 2 3  ? 11.964  11.774  5.376   1.00 85.91 ? 3  A   L "O5'" 1 
ATOM   297 C  "C5'" . A   B 2 3  ? 11.663  10.397  5.337   1.00 84.13 ? 3  A   L "C5'" 1 
ATOM   298 C  "C4'" . A   B 2 3  ? 12.550  9.650   6.288   1.00 83.02 ? 3  A   L "C4'" 1 
ATOM   299 O  "O4'" . A   B 2 3  ? 12.475  10.240  7.610   1.00 82.65 ? 3  A   L "O4'" 1 
ATOM   300 C  "C3'" . A   B 2 3  ? 12.130  8.213   6.483   1.00 82.25 ? 3  A   L "C3'" 1 
ATOM   301 O  "O3'" . A   B 2 3  ? 12.674  7.445   5.422   1.00 82.13 ? 3  A   L "O3'" 1 
ATOM   302 C  "C2'" . A   B 2 3  ? 12.712  7.888   7.853   1.00 82.14 ? 3  A   L "C2'" 1 
ATOM   303 O  "O2'" . A   B 2 3  ? 14.091  7.575   7.809   1.00 81.39 ? 3  A   L "O2'" 1 
ATOM   304 C  "C1'" . A   B 2 3  ? 12.505  9.217   8.590   1.00 81.51 ? 3  A   L "C1'" 1 
ATOM   305 N  N9    . A   B 2 3  ? 11.266  9.305   9.362   1.00 80.42 ? 3  A   L N9    1 
ATOM   306 C  C8    . A   B 2 3  ? 10.248  10.214  9.197   1.00 79.61 ? 3  A   L C8    1 
ATOM   307 N  N7    . A   B 2 3  ? 9.264   10.067  10.048  1.00 79.00 ? 3  A   L N7    1 
ATOM   308 C  C5    . A   B 2 3  ? 9.653   8.985   10.825  1.00 79.30 ? 3  A   L C5    1 
ATOM   309 C  C6    . A   B 2 3  ? 9.040   8.328   11.907  1.00 79.24 ? 3  A   L C6    1 
ATOM   310 N  N6    . A   B 2 3  ? 7.855   8.680   12.414  1.00 78.40 ? 3  A   L N6    1 
ATOM   311 N  N1    . A   B 2 3  ? 9.696   7.281   12.457  1.00 78.96 ? 3  A   L N1    1 
ATOM   312 C  C2    . A   B 2 3  ? 10.880  6.926   11.947  1.00 79.37 ? 3  A   L C2    1 
ATOM   313 N  N3    . A   B 2 3  ? 11.557  7.463   10.935  1.00 80.15 ? 3  A   L N3    1 
ATOM   314 C  C4    . A   B 2 3  ? 10.882  8.502   10.411  1.00 79.92 ? 3  A   L C4    1 
ATOM   315 P  P     . U   B 2 4  ? 11.698  6.559   4.506   1.00 81.53 ? 4  U   L P     1 
ATOM   316 O  OP1   . U   B 2 4  ? 12.394  6.304   3.221   1.00 82.31 ? 4  U   L OP1   1 
ATOM   317 O  OP2   . U   B 2 4  ? 10.344  7.180   4.499   1.00 80.56 ? 4  U   L OP2   1 
ATOM   318 O  "O5'" . U   B 2 4  ? 11.642  5.185   5.304   1.00 79.11 ? 4  U   L "O5'" 1 
ATOM   319 C  "C5'" . U   B 2 4  ? 12.843  4.549   5.720   1.00 74.24 ? 4  U   L "C5'" 1 
ATOM   320 C  "C4'" . U   B 2 4  ? 12.597  3.749   6.970   1.00 71.97 ? 4  U   L "C4'" 1 
ATOM   321 O  "O4'" . U   B 2 4  ? 12.294  4.636   8.079   1.00 70.80 ? 4  U   L "O4'" 1 
ATOM   322 C  "C3'" . U   B 2 4  ? 11.391  2.836   6.907   1.00 70.97 ? 4  U   L "C3'" 1 
ATOM   323 O  "O3'" . U   B 2 4  ? 11.704  1.639   6.211   1.00 70.55 ? 4  U   L "O3'" 1 
ATOM   324 C  "C2'" . U   B 2 4  ? 11.090  2.605   8.384   1.00 70.35 ? 4  U   L "C2'" 1 
ATOM   325 O  "O2'" . U   B 2 4  ? 11.917  1.623   8.977   1.00 70.12 ? 4  U   L "O2'" 1 
ATOM   326 C  "C1'" . U   B 2 4  ? 11.404  3.983   8.975   1.00 69.88 ? 4  U   L "C1'" 1 
ATOM   327 N  N1    . U   B 2 4  ? 10.208  4.825   9.152   1.00 68.51 ? 4  U   L N1    1 
ATOM   328 C  C2    . U   B 2 4  ? 9.338   4.493   10.177  1.00 66.16 ? 4  U   L C2    1 
ATOM   329 O  O2    . U   B 2 4  ? 9.521   3.546   10.916  1.00 65.34 ? 4  U   L O2    1 
ATOM   330 N  N3    . U   B 2 4  ? 8.244   5.309   10.298  1.00 64.71 ? 4  U   L N3    1 
ATOM   331 C  C4    . U   B 2 4  ? 7.930   6.399   9.513   1.00 65.79 ? 4  U   L C4    1 
ATOM   332 O  O4    . U   B 2 4  ? 6.900   7.036   9.749   1.00 64.88 ? 4  U   L O4    1 
ATOM   333 C  C5    . U   B 2 4  ? 8.873   6.679   8.471   1.00 66.16 ? 4  U   L C5    1 
ATOM   334 C  C6    . U   B 2 4  ? 9.954   5.904   8.330   1.00 67.66 ? 4  U   L C6    1 
ATOM   335 P  P     . C   B 2 5  ? 10.563  0.895   5.357   1.00 69.94 ? 5  C   L P     1 
ATOM   336 O  OP1   . C   B 2 5  ? 11.240  -0.180  4.583   1.00 70.09 ? 5  C   L OP1   1 
ATOM   337 O  OP2   . C   B 2 5  ? 9.750   1.920   4.652   1.00 68.87 ? 5  C   L OP2   1 
ATOM   338 O  "O5'" . C   B 2 5  ? 9.637   0.211   6.457   1.00 69.65 ? 5  C   L "O5'" 1 
ATOM   339 C  "C5'" . C   B 2 5  ? 10.142  -0.831  7.282   1.00 68.06 ? 5  C   L "C5'" 1 
ATOM   340 C  "C4'" . C   B 2 5  ? 9.179   -1.117  8.407   1.00 67.35 ? 5  C   L "C4'" 1 
ATOM   341 O  "O4'" . C   B 2 5  ? 9.080   0.040   9.282   1.00 67.56 ? 5  C   L "O4'" 1 
ATOM   342 C  "C3'" . C   B 2 5  ? 7.743   -1.365  7.995   1.00 66.22 ? 5  C   L "C3'" 1 
ATOM   343 O  "O3'" . C   B 2 5  ? 7.588   -2.697  7.531   1.00 65.50 ? 5  C   L "O3'" 1 
ATOM   344 C  "C2'" . C   B 2 5  ? 7.009   -1.109  9.308   1.00 66.68 ? 5  C   L "C2'" 1 
ATOM   345 O  "O2'" . C   B 2 5  ? 7.131   -2.184  10.223  1.00 65.54 ? 5  C   L "O2'" 1 
ATOM   346 C  "C1'" . C   B 2 5  ? 7.777   0.101   9.844   1.00 65.51 ? 5  C   L "C1'" 1 
ATOM   347 N  N1    . C   B 2 5  ? 7.174   1.391   9.466   1.00 63.98 ? 5  C   L N1    1 
ATOM   348 C  C2    . C   B 2 5  ? 6.071   1.876   10.203  1.00 63.02 ? 5  C   L C2    1 
ATOM   349 O  O2    . C   B 2 5  ? 5.642   1.210   11.156  1.00 61.32 ? 5  C   L O2    1 
ATOM   350 N  N3    . C   B 2 5  ? 5.508   3.055   9.847   1.00 62.03 ? 5  C   L N3    1 
ATOM   351 C  C4    . C   B 2 5  ? 5.997   3.741   8.807   1.00 61.43 ? 5  C   L C4    1 
ATOM   352 N  N4    . C   B 2 5  ? 5.398   4.885   8.479   1.00 60.37 ? 5  C   L N4    1 
ATOM   353 C  C5    . C   B 2 5  ? 7.119   3.280   8.054   1.00 61.14 ? 5  C   L C5    1 
ATOM   354 C  C6    . C   B 2 5  ? 7.670   2.112   8.414   1.00 62.21 ? 5  C   L C6    1 
ATOM   355 P  P     . C   B 2 6  ? 6.393   -3.055  6.515   1.00 64.63 ? 6  C   L P     1 
ATOM   356 O  OP1   . C   B 2 6  ? 6.512   -4.517  6.272   1.00 63.23 ? 6  C   L OP1   1 
ATOM   357 O  OP2   . C   B 2 6  ? 6.414   -2.107  5.370   1.00 64.57 ? 6  C   L OP2   1 
ATOM   358 O  "O5'" . C   B 2 6  ? 5.063   -2.788  7.351   1.00 64.10 ? 6  C   L "O5'" 1 
ATOM   359 C  "C5'" . C   B 2 6  ? 4.768   -3.566  8.507   1.00 64.53 ? 6  C   L "C5'" 1 
ATOM   360 C  "C4'" . C   B 2 6  ? 3.620   -2.962  9.276   1.00 64.33 ? 6  C   L "C4'" 1 
ATOM   361 O  "O4'" . C   B 2 6  ? 3.955   -1.599  9.636   1.00 63.59 ? 6  C   L "O4'" 1 
ATOM   362 C  "C3'" . C   B 2 6  ? 2.301   -2.825  8.531   1.00 64.71 ? 6  C   L "C3'" 1 
ATOM   363 O  "O3'" . C   B 2 6  ? 1.581   -4.056  8.565   1.00 65.16 ? 6  C   L "O3'" 1 
ATOM   364 C  "C2'" . C   B 2 6  ? 1.596   -1.733  9.329   1.00 63.87 ? 6  C   L "C2'" 1 
ATOM   365 O  "O2'" . C   B 2 6  ? 0.992   -2.217  10.507  1.00 66.01 ? 6  C   L "O2'" 1 
ATOM   366 C  "C1'" . C   B 2 6  ? 2.769   -0.826  9.709   1.00 63.53 ? 6  C   L "C1'" 1 
ATOM   367 N  N1    . C   B 2 6  ? 2.906   0.325   8.810   1.00 63.59 ? 6  C   L N1    1 
ATOM   368 C  C2    . C   B 2 6  ? 2.042   1.399   8.985   1.00 63.88 ? 6  C   L C2    1 
ATOM   369 O  O2    . C   B 2 6  ? 1.209   1.348   9.905   1.00 62.62 ? 6  C   L O2    1 
ATOM   370 N  N3    . C   B 2 6  ? 2.130   2.464   8.150   1.00 64.29 ? 6  C   L N3    1 
ATOM   371 C  C4    . C   B 2 6  ? 3.040   2.468   7.172   1.00 64.15 ? 6  C   L C4    1 
ATOM   372 N  N4    . C   B 2 6  ? 3.078   3.529   6.355   1.00 64.80 ? 6  C   L N4    1 
ATOM   373 C  C5    . C   B 2 6  ? 3.946   1.385   6.982   1.00 62.63 ? 6  C   L C5    1 
ATOM   374 C  C6    . C   B 2 6  ? 3.846   0.344   7.816   1.00 62.92 ? 6  C   L C6    1 
ATOM   375 P  P     . U   B 2 7  ? 0.253   -4.231  7.677   1.00 65.76 ? 7  U   L P     1 
ATOM   376 O  OP1   . U   B 2 7  ? -0.036  -5.684  7.604   1.00 65.79 ? 7  U   L OP1   1 
ATOM   377 O  OP2   . U   B 2 7  ? 0.405   -3.448  6.424   1.00 65.93 ? 7  U   L OP2   1 
ATOM   378 O  "O5'" . U   B 2 7  ? -0.886  -3.544  8.557   1.00 65.82 ? 7  U   L "O5'" 1 
ATOM   379 C  "C5'" . U   B 2 7  ? -1.314  -4.124  9.791   1.00 63.00 ? 7  U   L "C5'" 1 
ATOM   380 C  "C4'" . U   B 2 7  ? -2.560  -3.428  10.290  1.00 61.73 ? 7  U   L "C4'" 1 
ATOM   381 O  "O4'" . U   B 2 7  ? -2.248  -2.055  10.645  1.00 60.79 ? 7  U   L "O4'" 1 
ATOM   382 C  "C3'" . U   B 2 7  ? -3.681  -3.303  9.272   1.00 61.49 ? 7  U   L "C3'" 1 
ATOM   383 O  "O3'" . U   B 2 7  ? -4.461  -4.494  9.221   1.00 61.86 ? 7  U   L "O3'" 1 
ATOM   384 C  "C2'" . U   B 2 7  ? -4.472  -2.116  9.805   1.00 59.73 ? 7  U   L "C2'" 1 
ATOM   385 O  "O2'" . U   B 2 7  ? -5.323  -2.487  10.865  1.00 58.45 ? 7  U   L "O2'" 1 
ATOM   386 C  "C1'" . U   B 2 7  ? -3.352  -1.218  10.340  1.00 59.18 ? 7  U   L "C1'" 1 
ATOM   387 N  N1    . U   B 2 7  ? -2.893  -0.175  9.408   1.00 58.82 ? 7  U   L N1    1 
ATOM   388 C  C2    . U   B 2 7  ? -3.760  0.875   9.121   1.00 59.35 ? 7  U   L C2    1 
ATOM   389 O  O2    . U   B 2 7  ? -4.887  0.955   9.594   1.00 60.15 ? 7  U   L O2    1 
ATOM   390 N  N3    . U   B 2 7  ? -3.259  1.824   8.255   1.00 57.80 ? 7  U   L N3    1 
ATOM   391 C  C4    . U   B 2 7  ? -2.009  1.829   7.656   1.00 57.82 ? 7  U   L C4    1 
ATOM   392 O  O4    . U   B 2 7  ? -1.698  2.759   6.907   1.00 56.93 ? 7  U   L O4    1 
ATOM   393 C  C5    . U   B 2 7  ? -1.176  0.709   7.997   1.00 57.79 ? 7  U   L C5    1 
ATOM   394 C  C6    . U   B 2 7  ? -1.635  -0.232  8.838   1.00 58.45 ? 7  U   L C6    1 
ATOM   395 P  P     . A   B 2 8  ? -5.240  -4.871  7.873   1.00 62.59 ? 8  A   L P     1 
ATOM   396 O  OP1   . A   B 2 8  ? -6.017  -6.107  8.131   1.00 61.04 ? 8  A   L OP1   1 
ATOM   397 O  OP2   . A   B 2 8  ? -4.270  -4.835  6.742   1.00 62.60 ? 8  A   L OP2   1 
ATOM   398 O  "O5'" . A   B 2 8  ? -6.255  -3.658  7.696   1.00 62.89 ? 8  A   L "O5'" 1 
ATOM   399 C  "C5'" . A   B 2 8  ? -7.269  -3.418  8.658   1.00 63.00 ? 8  A   L "C5'" 1 
ATOM   400 C  "C4'" . A   B 2 8  ? -8.121  -2.259  8.228   1.00 63.61 ? 8  A   L "C4'" 1 
ATOM   401 O  "O4'" . A   B 2 8  ? -7.382  -1.019  8.350   1.00 64.07 ? 8  A   L "O4'" 1 
ATOM   402 C  "C3'" . A   B 2 8  ? -8.529  -2.293  6.771   1.00 64.58 ? 8  A   L "C3'" 1 
ATOM   403 O  "O3'" . A   B 2 8  ? -9.640  -3.148  6.576   1.00 65.30 ? 8  A   L "O3'" 1 
ATOM   404 C  "C2'" . A   B 2 8  ? -8.857  -0.832  6.492   1.00 64.33 ? 8  A   L "C2'" 1 
ATOM   405 O  "O2'" . A   B 2 8  ? -10.147 -0.469  6.938   1.00 63.01 ? 8  A   L "O2'" 1 
ATOM   406 C  "C1'" . A   B 2 8  ? -7.790  -0.123  7.328   1.00 64.66 ? 8  A   L "C1'" 1 
ATOM   407 N  N9    . A   B 2 8  ? -6.604  0.270   6.567   1.00 65.74 ? 8  A   L N9    1 
ATOM   408 C  C8    . A   B 2 8  ? -5.433  -0.430  6.402   1.00 65.23 ? 8  A   L C8    1 
ATOM   409 N  N7    . A   B 2 8  ? -4.530  0.209   5.696   1.00 65.25 ? 8  A   L N7    1 
ATOM   410 C  C5    . A   B 2 8  ? -5.152  1.405   5.366   1.00 66.05 ? 8  A   L C5    1 
ATOM   411 C  C6    . A   B 2 8  ? -4.719  2.531   4.632   1.00 66.90 ? 8  A   L C6    1 
ATOM   412 N  N6    . A   B 2 8  ? -3.500  2.646   4.095   1.00 65.98 ? 8  A   L N6    1 
ATOM   413 N  N1    . A   B 2 8  ? -5.594  3.553   4.473   1.00 66.68 ? 8  A   L N1    1 
ATOM   414 C  C2    . A   B 2 8  ? -6.809  3.446   5.032   1.00 66.99 ? 8  A   L C2    1 
ATOM   415 N  N3    . A   B 2 8  ? -7.324  2.448   5.754   1.00 66.72 ? 8  A   L N3    1 
ATOM   416 C  C4    . A   B 2 8  ? -6.435  1.449   5.884   1.00 65.97 ? 8  A   L C4    1 
ATOM   417 P  P     . G   B 2 9  ? -9.805  -3.906  5.177   1.00 66.18 ? 9  G   L P     1 
ATOM   418 O  OP1   . G   B 2 9  ? -10.846 -4.955  5.328   1.00 67.73 ? 9  G   L OP1   1 
ATOM   419 O  OP2   . G   B 2 9  ? -8.451  -4.277  4.681   1.00 66.46 ? 9  G   L OP2   1 
ATOM   420 O  "O5'" . G   B 2 9  ? -10.380 -2.775  4.224   1.00 64.46 ? 9  G   L "O5'" 1 
ATOM   421 C  "C5'" . G   B 2 9  ? -9.940  -2.675  2.888   1.00 59.41 ? 9  G   L "C5'" 1 
ATOM   422 C  "C4'" . G   B 2 9  ? -9.577  -1.252  2.576   1.00 56.76 ? 9  G   L "C4'" 1 
ATOM   423 O  "O4'" . G   B 2 9  ? -8.568  -0.775  3.508   1.00 54.43 ? 9  G   L "O4'" 1 
ATOM   424 C  "C3'" . G   B 2 9  ? -8.951  -1.090  1.208   1.00 55.27 ? 9  G   L "C3'" 1 
ATOM   425 O  "O3'" . G   B 2 9  ? -9.973  -0.981  0.236   1.00 53.67 ? 9  G   L "O3'" 1 
ATOM   426 C  "C2'" . G   B 2 9  ? -8.123  0.175   1.385   1.00 55.28 ? 9  G   L "C2'" 1 
ATOM   427 O  "O2'" . G   B 2 9  ? -8.884  1.364   1.312   1.00 53.54 ? 9  G   L "O2'" 1 
ATOM   428 C  "C1'" . G   B 2 9  ? -7.582  -0.034  2.801   1.00 54.06 ? 9  G   L "C1'" 1 
ATOM   429 N  N9    . G   B 2 9  ? -6.364  -0.836  2.785   1.00 52.83 ? 9  G   L N9    1 
ATOM   430 C  C8    . G   B 2 9  ? -6.212  -2.112  3.278   1.00 52.03 ? 9  G   L C8    1 
ATOM   431 N  N7    . G   B 2 9  ? -5.003  -2.582  3.124   1.00 50.63 ? 9  G   L N7    1 
ATOM   432 C  C5    . G   B 2 9  ? -4.315  -1.558  2.489   1.00 49.18 ? 9  G   L C5    1 
ATOM   433 C  C6    . G   B 2 9  ? -2.976  -1.495  2.059   1.00 48.09 ? 9  G   L C6    1 
ATOM   434 O  O6    . G   B 2 9  ? -2.106  -2.364  2.146   1.00 48.98 ? 9  G   L O6    1 
ATOM   435 N  N1    . G   B 2 9  ? -2.682  -0.271  1.464   1.00 47.64 ? 9  G   L N1    1 
ATOM   436 C  C2    . G   B 2 9  ? -3.577  0.758   1.289   1.00 48.54 ? 9  G   L C2    1 
ATOM   437 N  N2    . G   B 2 9  ? -3.103  1.857   0.694   1.00 45.54 ? 9  G   L N2    1 
ATOM   438 N  N3    . G   B 2 9  ? -4.845  0.707   1.675   1.00 49.61 ? 9  G   L N3    1 
ATOM   439 C  C4    . G   B 2 9  ? -5.140  -0.472  2.269   1.00 51.05 ? 9  G   L C4    1 
ATOM   440 P  P     . U   B 2 10 ? -9.970  -1.973  -1.020  1.00 53.64 ? 10 U   L P     1 
ATOM   441 O  OP1   . U   B 2 10 ? -11.284 -1.858  -1.691  1.00 55.58 ? 10 U   L OP1   1 
ATOM   442 O  OP2   . U   B 2 10 ? -9.485  -3.304  -0.584  1.00 53.93 ? 10 U   L OP2   1 
ATOM   443 O  "O5'" . U   B 2 10 ? -8.895  -1.310  -1.987  1.00 53.12 ? 10 U   L "O5'" 1 
ATOM   444 C  "C5'" . U   B 2 10 ? -9.053  0.038   -2.403  1.00 49.49 ? 10 U   L "C5'" 1 
ATOM   445 C  "C4'" . U   B 2 10 ? -7.731  0.604   -2.815  1.00 49.02 ? 10 U   L "C4'" 1 
ATOM   446 O  "O4'" . U   B 2 10 ? -6.834  0.615   -1.668  1.00 47.23 ? 10 U   L "O4'" 1 
ATOM   447 C  "C3'" . U   B 2 10 ? -6.980  -0.213  -3.851  1.00 48.70 ? 10 U   L "C3'" 1 
ATOM   448 O  "O3'" . U   B 2 10 ? -7.453  0.044   -5.172  1.00 50.05 ? 10 U   L "O3'" 1 
ATOM   449 C  "C2'" . U   B 2 10 ? -5.552  0.265   -3.634  1.00 47.93 ? 10 U   L "C2'" 1 
ATOM   450 O  "O2'" . U   B 2 10 ? -5.320  1.526   -4.213  1.00 45.34 ? 10 U   L "O2'" 1 
ATOM   451 C  "C1'" . U   B 2 10 ? -5.505  0.378   -2.104  1.00 47.25 ? 10 U   L "C1'" 1 
ATOM   452 N  N1    . U   B 2 10 ? -5.052  -0.878  -1.493  1.00 46.76 ? 10 U   L N1    1 
ATOM   453 C  C2    . U   B 2 10 ? -3.685  -1.168  -1.514  1.00 45.72 ? 10 U   L C2    1 
ATOM   454 O  O2    . U   B 2 10 ? -2.842  -0.420  -1.993  1.00 42.43 ? 10 U   L O2    1 
ATOM   455 N  N3    . U   B 2 10 ? -3.349  -2.377  -0.957  1.00 44.19 ? 10 U   L N3    1 
ATOM   456 C  C4    . U   B 2 10 ? -4.206  -3.300  -0.405  1.00 43.00 ? 10 U   L C4    1 
ATOM   457 O  O4    . U   B 2 10 ? -3.752  -4.363  -0.003  1.00 42.36 ? 10 U   L O4    1 
ATOM   458 C  C5    . U   B 2 10 ? -5.590  -2.920  -0.406  1.00 43.59 ? 10 U   L C5    1 
ATOM   459 C  C6    . U   B 2 10 ? -5.956  -1.752  -0.933  1.00 43.69 ? 10 U   L C6    1 
ATOM   460 P  P     . G   B 2 11 ? -7.055  -0.961  -6.365  1.00 51.77 ? 11 G   L P     1 
ATOM   461 O  OP1   . G   B 2 11 ? -7.817  -0.602  -7.583  1.00 50.65 ? 11 G   L OP1   1 
ATOM   462 O  OP2   . G   B 2 11 ? -7.126  -2.348  -5.834  1.00 50.49 ? 11 G   L OP2   1 
ATOM   463 O  "O5'" . G   B 2 11 ? -5.529  -0.594  -6.652  1.00 49.96 ? 11 G   L "O5'" 1 
ATOM   464 C  "C5'" . G   B 2 11 ? -5.192  0.692   -7.152  1.00 45.25 ? 11 G   L "C5'" 1 
ATOM   465 C  "C4'" . G   B 2 11 ? -3.764  0.721   -7.628  1.00 43.72 ? 11 G   L "C4'" 1 
ATOM   466 O  "O4'" . G   B 2 11 ? -2.859  0.610   -6.496  1.00 42.56 ? 11 G   L "O4'" 1 
ATOM   467 C  "C3'" . G   B 2 11 ? -3.313  -0.394  -8.560  1.00 41.88 ? 11 G   L "C3'" 1 
ATOM   468 O  "O3'" . G   B 2 11 ? -3.708  -0.159  -9.904  1.00 40.38 ? 11 G   L "O3'" 1 
ATOM   469 C  "C2'" . G   B 2 11 ? -1.808  -0.282  -8.415  1.00 42.62 ? 11 G   L "C2'" 1 
ATOM   470 O  "O2'" . G   B 2 11 ? -1.317  0.853   -9.105  1.00 42.49 ? 11 G   L "O2'" 1 
ATOM   471 C  "C1'" . G   B 2 11 ? -1.679  -0.052  -6.907  1.00 42.44 ? 11 G   L "C1'" 1 
ATOM   472 N  N9    . G   B 2 11 ? -1.576  -1.308  -6.168  1.00 42.56 ? 11 G   L N9    1 
ATOM   473 C  C8    . G   B 2 11 ? -2.576  -1.966  -5.489  1.00 41.55 ? 11 G   L C8    1 
ATOM   474 N  N7    . G   B 2 11 ? -2.165  -3.062  -4.908  1.00 39.80 ? 11 G   L N7    1 
ATOM   475 C  C5    . G   B 2 11 ? -0.814  -3.132  -5.226  1.00 39.47 ? 11 G   L C5    1 
ATOM   476 C  C6    . G   B 2 11 ? 0.167   -4.092  -4.874  1.00 36.44 ? 11 G   L C6    1 
ATOM   477 O  O6    . G   B 2 11 ? 0.043   -5.091  -4.172  1.00 34.65 ? 11 G   L O6    1 
ATOM   478 N  N1    . G   B 2 11 ? 1.404   -3.787  -5.422  1.00 37.32 ? 11 G   L N1    1 
ATOM   479 C  C2    . G   B 2 11 ? 1.676   -2.690  -6.199  1.00 40.67 ? 11 G   L C2    1 
ATOM   480 N  N2    . G   B 2 11 ? 2.941   -2.553  -6.622  1.00 37.17 ? 11 G   L N2    1 
ATOM   481 N  N3    . G   B 2 11 ? 0.774   -1.782  -6.531  1.00 42.82 ? 11 G   L N3    1 
ATOM   482 C  C4    . G   B 2 11 ? -0.440  -2.064  -6.012  1.00 41.32 ? 11 G   L C4    1 
ATOM   483 P  P     . U   B 2 12 ? -4.025  -1.399  -10.876 1.00 38.76 ? 12 U   L P     1 
ATOM   484 O  OP1   . U   B 2 12 ? -4.368  -0.857  -12.212 1.00 42.70 ? 12 U   L OP1   1 
ATOM   485 O  OP2   . U   B 2 12 ? -4.965  -2.332  -10.206 1.00 43.37 ? 12 U   L OP2   1 
ATOM   486 O  "O5'" . U   B 2 12 ? -2.616  -2.112  -11.029 1.00 41.17 ? 12 U   L "O5'" 1 
ATOM   487 C  "C5'" . U   B 2 12 ? -1.495  -1.369  -11.487 1.00 39.64 ? 12 U   L "C5'" 1 
ATOM   488 C  "C4'" . U   B 2 12 ? -0.262  -2.217  -11.449 1.00 36.95 ? 12 U   L "C4'" 1 
ATOM   489 O  "O4'" . U   B 2 12 ? 0.194   -2.392  -10.080 1.00 37.12 ? 12 U   L "O4'" 1 
ATOM   490 C  "C3'" . U   B 2 12 ? -0.455  -3.632  -11.955 1.00 34.69 ? 12 U   L "C3'" 1 
ATOM   491 O  "O3'" . U   B 2 12 ? -0.462  -3.637  -13.369 1.00 35.70 ? 12 U   L "O3'" 1 
ATOM   492 C  "C2'" . U   B 2 12 ? 0.755   -4.322  -11.348 1.00 35.29 ? 12 U   L "C2'" 1 
ATOM   493 O  "O2'" . U   B 2 12 ? 1.933   -3.972  -12.045 1.00 33.65 ? 12 U   L "O2'" 1 
ATOM   494 C  "C1'" . U   B 2 12 ? 0.788   -3.679  -9.953  1.00 35.69 ? 12 U   L "C1'" 1 
ATOM   495 N  N1    . U   B 2 12 ? 0.012   -4.437  -8.963  1.00 33.23 ? 12 U   L N1    1 
ATOM   496 C  C2    . U   B 2 12 ? 0.675   -5.397  -8.232  1.00 33.03 ? 12 U   L C2    1 
ATOM   497 O  O2    . U   B 2 12 ? 1.860   -5.598  -8.334  1.00 34.08 ? 12 U   L O2    1 
ATOM   498 N  N3    . U   B 2 12 ? -0.109  -6.110  -7.359  1.00 34.47 ? 12 U   L N3    1 
ATOM   499 C  C4    . U   B 2 12 ? -1.457  -5.944  -7.133  1.00 32.25 ? 12 U   L C4    1 
ATOM   500 O  O4    . U   B 2 12 ? -2.005  -6.642  -6.301  1.00 31.97 ? 12 U   L O4    1 
ATOM   501 C  C5    . U   B 2 12 ? -2.076  -4.905  -7.907  1.00 32.22 ? 12 U   L C5    1 
ATOM   502 C  C6    . U   B 2 12 ? -1.339  -4.204  -8.776  1.00 33.17 ? 12 U   L C6    1 
ATOM   503 P  P     . G   B 2 13 ? -1.000  -4.925  -14.160 1.00 36.62 ? 13 G   L P     1 
ATOM   504 O  OP1   . G   B 2 13 ? -1.326  -4.571  -15.555 1.00 37.60 ? 13 G   L OP1   1 
ATOM   505 O  OP2   . G   B 2 13 ? -2.001  -5.637  -13.343 1.00 39.32 ? 13 G   L OP2   1 
ATOM   506 O  "O5'" . G   B 2 13 ? 0.304   -5.821  -14.224 1.00 40.47 ? 13 G   L "O5'" 1 
ATOM   507 C  "C5'" . G   B 2 13 ? 0.190   -7.203  -14.339 1.00 38.49 ? 13 G   L "C5'" 1 
ATOM   508 C  "C4'" . G   B 2 13 ? 1.337   -7.883  -13.661 1.00 38.17 ? 13 G   L "C4'" 1 
ATOM   509 O  "O4'" . G   B 2 13 ? 1.507   -7.431  -12.287 1.00 37.30 ? 13 G   L "O4'" 1 
ATOM   510 C  "C3'" . G   B 2 13 ? 1.017   -9.354  -13.543 1.00 36.48 ? 13 G   L "C3'" 1 
ATOM   511 O  "O3'" . G   B 2 13 ? 1.305   -9.955  -14.779 1.00 36.56 ? 13 G   L "O3'" 1 
ATOM   512 C  "C2'" . G   B 2 13 ? 1.883   -9.777  -12.377 1.00 37.16 ? 13 G   L "C2'" 1 
ATOM   513 O  "O2'" . G   B 2 13 ? 3.232   -9.907  -12.769 1.00 35.74 ? 13 G   L "O2'" 1 
ATOM   514 C  "C1'" . G   B 2 13 ? 1.704   -8.570  -11.444 1.00 40.16 ? 13 G   L "C1'" 1 
ATOM   515 N  N9    . G   B 2 13 ? 0.541   -8.689  -10.552 1.00 41.22 ? 13 G   L N9    1 
ATOM   516 C  C8    . G   B 2 13 ? -0.595  -7.911  -10.581 1.00 40.32 ? 13 G   L C8    1 
ATOM   517 N  N7    . G   B 2 13 ? -1.465  -8.233  -9.664  1.00 39.74 ? 13 G   L N7    1 
ATOM   518 C  C5    . G   B 2 13 ? -0.882  -9.293  -8.987  1.00 40.44 ? 13 G   L C5    1 
ATOM   519 C  C6    . G   B 2 13 ? -1.369  -10.067 -7.882  1.00 39.27 ? 13 G   L C6    1 
ATOM   520 O  O6    . G   B 2 13 ? -2.438  -9.959  -7.282  1.00 36.12 ? 13 G   L O6    1 
ATOM   521 N  N1    . G   B 2 13 ? -0.459  -11.047 -7.501  1.00 37.97 ? 13 G   L N1    1 
ATOM   522 C  C2    . G   B 2 13 ? 0.760   -11.264 -8.101  1.00 39.36 ? 13 G   L C2    1 
ATOM   523 N  N2    . G   B 2 13 ? 1.492   -12.257 -7.580  1.00 38.23 ? 13 G   L N2    1 
ATOM   524 N  N3    . G   B 2 13 ? 1.227   -10.556 -9.134  1.00 39.04 ? 13 G   L N3    1 
ATOM   525 C  C4    . G   B 2 13 ? 0.360   -9.592  -9.520  1.00 40.48 ? 13 G   L C4    1 
ATOM   526 P  P     . G   B 2 14 ? 0.200   -10.869 -15.476 1.00 37.54 ? 14 G   L P     1 
ATOM   527 O  OP1   . G   B 2 14 ? 0.633   -11.124 -16.874 1.00 39.70 ? 14 G   L OP1   1 
ATOM   528 O  OP2   . G   B 2 14 ? -1.128  -10.256 -15.228 1.00 39.69 ? 14 G   L OP2   1 
ATOM   529 O  "O5'" . G   B 2 14 ? 0.331   -12.216 -14.635 1.00 39.58 ? 14 G   L "O5'" 1 
ATOM   530 C  "C5'" . G   B 2 14 ? 1.622   -12.702 -14.254 1.00 37.81 ? 14 G   L "C5'" 1 
ATOM   531 C  "C4'" . G   B 2 14 ? 1.497   -13.785 -13.215 1.00 39.67 ? 14 G   L "C4'" 1 
ATOM   532 O  "O4'" . G   B 2 14 ? 1.333   -13.232 -11.879 1.00 39.71 ? 14 G   L "O4'" 1 
ATOM   533 C  "C3'" . G   B 2 14 ? 0.305   -14.714 -13.364 1.00 39.81 ? 14 G   L "C3'" 1 
ATOM   534 O  "O3'" . G   B 2 14 ? 0.354   -15.635 -14.471 1.00 41.45 ? 14 G   L "O3'" 1 
ATOM   535 C  "C2'" . G   B 2 14 ? 0.245   -15.352 -11.984 1.00 39.22 ? 14 G   L "C2'" 1 
ATOM   536 O  "O2'" . G   B 2 14 ? 1.209   -16.373 -11.846 1.00 37.93 ? 14 G   L "O2'" 1 
ATOM   537 C  "C1'" . G   B 2 14 ? 0.604   -14.162 -11.082 1.00 40.45 ? 14 G   L "C1'" 1 
ATOM   538 N  N9    . G   B 2 14 ? -0.600  -13.515 -10.567 1.00 43.22 ? 14 G   L N9    1 
ATOM   539 C  C8    . G   B 2 14 ? -1.254  -12.414 -11.076 1.00 42.21 ? 14 G   L C8    1 
ATOM   540 N  N7    . G   B 2 14 ? -2.347  -12.121 -10.425 1.00 40.65 ? 14 G   L N7    1 
ATOM   541 C  C5    . G   B 2 14 ? -2.415  -13.077 -9.421  1.00 42.80 ? 14 G   L C5    1 
ATOM   542 C  C6    . G   B 2 14 ? -3.392  -13.286 -8.406  1.00 42.44 ? 14 G   L C6    1 
ATOM   543 O  O6    . G   B 2 14 ? -4.440  -12.665 -8.206  1.00 43.97 ? 14 G   L O6    1 
ATOM   544 N  N1    . G   B 2 14 ? -3.054  -14.356 -7.585  1.00 42.08 ? 14 G   L N1    1 
ATOM   545 C  C2    . G   B 2 14 ? -1.936  -15.137 -7.727  1.00 42.17 ? 14 G   L C2    1 
ATOM   546 N  N2    . G   B 2 14 ? -1.781  -16.116 -6.826  1.00 43.35 ? 14 G   L N2    1 
ATOM   547 N  N3    . G   B 2 14 ? -1.034  -14.972 -8.679  1.00 42.09 ? 14 G   L N3    1 
ATOM   548 C  C4    . G   B 2 14 ? -1.332  -13.930 -9.481  1.00 43.12 ? 14 G   L C4    1 
HETATM 549 BR BR    . BR  C 3 .  ? 2.979   -9.585  -0.576  1.00 69.16 ? 13 BR  S BR    1 
HETATM 550 O  O     . HOH D 4 .  ? -8.447  -10.642 -5.978  1.00 33.67 ? 14 HOH S O     1 
HETATM 551 O  O     . HOH D 4 .  ? -2.752  -19.497 -3.871  1.00 33.26 ? 15 HOH S O     1 
HETATM 552 O  O     . HOH D 4 .  ? 7.065   -7.442  -10.450 0.50 31.42 ? 16 HOH S O     1 
HETATM 553 O  O     . HOH D 4 .  ? -3.619  -9.346  -2.332  1.00 42.18 ? 17 HOH S O     1 
HETATM 554 O  O     . HOH D 4 .  ? 8.103   1.827   -4.352  1.00 26.08 ? 18 HOH S O     1 
HETATM 555 O  O     . HOH D 4 .  ? -12.476 4.391   -11.120 1.00 40.62 ? 19 HOH S O     1 
HETATM 556 O  O     . HOH D 4 .  ? -7.621  2.887   -5.325  1.00 52.26 ? 20 HOH S O     1 
HETATM 557 O  O     . HOH D 4 .  ? 5.667   -9.447  -7.668  1.00 43.50 ? 21 HOH S O     1 
HETATM 558 O  O     . HOH D 4 .  ? 5.550   -2.522  0.810   1.00 27.75 ? 22 HOH S O     1 
HETATM 559 O  O     . HOH D 4 .  ? 9.329   2.700   -2.013  1.00 30.70 ? 23 HOH S O     1 
HETATM 560 O  O     . HOH D 4 .  ? -9.437  -11.903 -3.408  1.00 47.03 ? 24 HOH S O     1 
HETATM 561 O  O     . HOH E 4 .  ? -9.257  1.466   -7.237  1.00 47.01 ? 15 HOH L O     1 
HETATM 562 O  O     . HOH E 4 .  ? -3.074  -2.149  -16.544 1.00 39.38 ? 16 HOH L O     1 
HETATM 563 O  O     . HOH E 4 .  ? -5.132  0.077   -17.419 1.00 37.50 ? 17 HOH L O     1 
HETATM 564 O  O     . HOH E 4 .  ? -4.230  -7.496  -9.384  1.00 28.53 ? 18 HOH L O     1 
HETATM 565 O  O     . HOH E 4 .  ? -2.340  2.517   -11.207 0.50 29.42 ? 19 HOH L O     1 
HETATM 566 O  O     . HOH E 4 .  ? -4.971  1.911   -12.176 1.00 32.73 ? 20 HOH L O     1 
HETATM 567 O  O     . HOH E 4 .  ? -8.191  -4.978  -2.385  1.00 47.96 ? 21 HOH L O     1 
HETATM 568 O  O     . HOH E 4 .  ? 5.166   -4.372  -7.059  1.00 28.28 ? 22 HOH L O     1 
HETATM 569 O  O     . HOH E 4 .  ? 4.338   -11.649 -9.909  1.00 39.84 ? 23 HOH L O     1 
HETATM 570 O  O     . HOH E 4 .  ? -0.824  -14.685 -16.998 1.00 39.25 ? 24 HOH L O     1 
# 
